data_6Y39
#
_entry.id   6Y39
#
_cell.length_a   72.150
_cell.length_b   103.500
_cell.length_c   159.710
_cell.angle_alpha   90.000
_cell.angle_beta   90.000
_cell.angle_gamma   90.000
#
_symmetry.space_group_name_H-M   'P 21 21 21'
#
loop_
_entity.id
_entity.type
_entity.pdbx_description
1 polymer HapB
2 polymer 'Transcription factor HapC (Eurofung)'
3 polymer 'CBFD_NFYB_HMF domain-containing protein'
4 polymer 'DNA (25 mer)'
5 polymer 'DNA (25 mer)'
6 non-polymer 'CHLORIDE ION'
7 water water
#
loop_
_entity_poly.entity_id
_entity_poly.type
_entity_poly.pdbx_seq_one_letter_code
_entity_poly.pdbx_strand_id
1 'polypeptide(L)' MESPLYVNAKQFHRILKRRVARQKLEEQLRLTSKGRKPYLHESRHNHAMRRPRGPGGRFLTADE A,D,G
2 'polypeptide(L)'
;MKEQDRWLPIANVARIMKLALPENAKIAKEAKECMQECVSEFISFITSEASEKCQQEKRKTVNGEDILFAMTSLGFENYA
EALKIYLSKYRE
;
B,E,H
3 'polypeptide(L)'
;MGTWANVNQGLQGTARDILTTYWQHVINHLESDNHDYKIHQLLLARIKKVMKADPEVKMISAEAPILFAKGCDVFITELT
MRAWIHAEDNKRRTLQRSDIAAALSKSDMFDFLIDIVPR
;
C,F,I
4 'polydeoxyribonucleotide'
;(DT)(DT)(DC)(DA)(DT)(DC)(DC)(DT)(DA)(DC)(DC)(DT)(DC)(DT)(DG)(DA)(DT)(DT)(DG)(DG)
(DT)(DC)(DA)(DA)(DT)
;
J
5 'polydeoxyribonucleotide'
;(DA)(DA)(DA)(DT)(DT)(DG)(DA)(DC)(DC)(DA)(DA)(DT)(DC)(DA)(DG)(DA)(DG)(DG)(DT)(DA)
(DG)(DG)(DA)(DT)(DG)
;
K
#
# COMPACT_ATOMS: atom_id res chain seq x y z
N GLU A 2 -15.55 -15.94 19.69
CA GLU A 2 -15.69 -15.95 18.19
C GLU A 2 -17.17 -15.85 17.78
N SER A 3 -18.05 -16.74 18.30
CA SER A 3 -19.52 -16.68 18.14
C SER A 3 -20.20 -16.76 19.50
N PRO A 4 -20.70 -15.63 20.05
CA PRO A 4 -21.25 -15.60 21.41
C PRO A 4 -22.72 -16.00 21.43
N LEU A 5 -23.21 -16.57 22.54
CA LEU A 5 -24.62 -17.06 22.66
C LEU A 5 -25.54 -15.85 22.79
N TYR A 6 -25.22 -14.96 23.72
CA TYR A 6 -25.99 -13.74 24.05
C TYR A 6 -25.28 -12.52 23.46
N VAL A 7 -25.99 -11.79 22.61
CA VAL A 7 -25.58 -10.47 22.06
C VAL A 7 -26.54 -9.41 22.61
N ASN A 8 -26.32 -8.14 22.27
CA ASN A 8 -27.18 -6.99 22.62
C ASN A 8 -28.64 -7.45 22.69
N ALA A 9 -29.32 -7.30 23.83
CA ALA A 9 -30.71 -7.75 24.09
C ALA A 9 -31.70 -6.93 23.25
N LYS A 10 -31.40 -5.66 23.00
CA LYS A 10 -32.28 -4.79 22.16
C LYS A 10 -32.19 -5.21 20.69
N GLN A 11 -31.11 -5.88 20.26
CA GLN A 11 -30.82 -6.14 18.81
C GLN A 11 -31.01 -7.62 18.42
N PHE A 12 -30.94 -8.55 19.36
CA PHE A 12 -30.87 -10.01 19.08
C PHE A 12 -31.98 -10.48 18.13
N HIS A 13 -33.23 -10.25 18.50
CA HIS A 13 -34.41 -10.68 17.71
C HIS A 13 -34.37 -10.07 16.30
N ARG A 14 -34.03 -8.79 16.20
CA ARG A 14 -33.96 -8.12 14.87
C ARG A 14 -32.80 -8.70 14.05
N ILE A 15 -31.70 -9.08 14.72
CA ILE A 15 -30.55 -9.80 14.06
C ILE A 15 -31.06 -11.13 13.45
N LEU A 16 -31.71 -11.98 14.26
CA LEU A 16 -32.28 -13.30 13.83
C LEU A 16 -33.13 -13.11 12.57
N LYS A 17 -33.99 -12.08 12.57
CA LYS A 17 -34.95 -11.77 11.47
C LYS A 17 -34.20 -11.32 10.22
N ARG A 18 -33.12 -10.53 10.37
CA ARG A 18 -32.32 -10.03 9.22
C ARG A 18 -31.53 -11.20 8.63
N ARG A 19 -31.21 -12.23 9.42
CA ARG A 19 -30.49 -13.43 8.91
C ARG A 19 -31.43 -14.19 7.96
N VAL A 20 -32.71 -14.23 8.29
CA VAL A 20 -33.76 -14.90 7.47
C VAL A 20 -33.95 -14.08 6.19
N ALA A 21 -34.22 -12.79 6.35
CA ALA A 21 -34.49 -11.84 5.25
C ALA A 21 -33.30 -11.81 4.28
N ARG A 22 -32.08 -11.97 4.79
CA ARG A 22 -30.81 -11.89 4.00
C ARG A 22 -30.65 -13.18 3.17
N GLN A 23 -31.00 -14.34 3.72
CA GLN A 23 -30.94 -15.64 3.00
C GLN A 23 -31.94 -15.60 1.84
N LYS A 24 -33.15 -15.11 2.08
CA LYS A 24 -34.24 -15.04 1.06
C LYS A 24 -33.85 -14.08 -0.09
N LEU A 25 -33.30 -12.90 0.21
CA LEU A 25 -32.75 -11.97 -0.82
C LEU A 25 -31.70 -12.69 -1.67
N GLU A 26 -30.86 -13.52 -1.02
CA GLU A 26 -29.76 -14.31 -1.64
C GLU A 26 -30.33 -15.55 -2.35
N GLU A 27 -31.61 -15.87 -2.11
CA GLU A 27 -32.32 -17.02 -2.75
C GLU A 27 -32.71 -16.66 -4.19
N GLN A 28 -32.93 -15.36 -4.47
CA GLN A 28 -33.29 -14.82 -5.82
C GLN A 28 -32.16 -15.11 -6.82
N LEU A 29 -30.90 -15.09 -6.35
CA LEU A 29 -29.66 -15.33 -7.15
C LEU A 29 -29.29 -16.81 -7.07
N GLU B 3 -30.12 -7.53 -8.64
CA GLU B 3 -30.17 -6.04 -8.63
C GLU B 3 -28.88 -5.50 -8.01
N GLN B 4 -28.66 -5.75 -6.71
CA GLN B 4 -27.53 -5.24 -5.88
C GLN B 4 -27.79 -3.77 -5.51
N ASP B 5 -29.03 -3.43 -5.14
CA ASP B 5 -29.43 -2.09 -4.60
C ASP B 5 -29.35 -2.09 -3.08
N ARG B 6 -28.58 -3.04 -2.51
CA ARG B 6 -28.52 -3.30 -1.05
C ARG B 6 -27.52 -2.33 -0.40
N TRP B 7 -26.70 -1.63 -1.19
CA TRP B 7 -25.58 -0.81 -0.68
C TRP B 7 -25.70 0.65 -1.13
N LEU B 8 -25.44 1.58 -0.23
CA LEU B 8 -25.18 3.00 -0.55
C LEU B 8 -24.00 3.05 -1.51
N PRO B 9 -23.91 4.06 -2.40
CA PRO B 9 -22.78 4.16 -3.31
C PRO B 9 -21.50 4.49 -2.53
N ILE B 10 -20.40 3.85 -2.93
CA ILE B 10 -19.13 3.80 -2.16
C ILE B 10 -18.40 5.16 -2.15
N ALA B 11 -18.49 5.97 -3.20
CA ALA B 11 -17.81 7.28 -3.29
C ALA B 11 -18.28 8.19 -2.16
N ASN B 12 -19.59 8.26 -1.90
CA ASN B 12 -20.15 9.06 -0.77
C ASN B 12 -19.63 8.51 0.55
N VAL B 13 -19.65 7.18 0.75
CA VAL B 13 -19.16 6.56 2.01
C VAL B 13 -17.69 6.99 2.21
N ALA B 14 -16.83 6.84 1.21
CA ALA B 14 -15.38 7.10 1.30
C ALA B 14 -15.09 8.61 1.55
N ARG B 15 -15.92 9.51 1.02
CA ARG B 15 -15.81 10.97 1.23
C ARG B 15 -16.05 11.26 2.71
N ILE B 16 -17.14 10.71 3.28
CA ILE B 16 -17.49 10.94 4.71
C ILE B 16 -16.36 10.40 5.59
N MET B 17 -15.82 9.21 5.26
CA MET B 17 -14.69 8.57 5.98
C MET B 17 -13.47 9.49 5.93
N LYS B 18 -13.10 9.97 4.75
CA LYS B 18 -11.94 10.86 4.52
C LYS B 18 -12.03 12.07 5.48
N LEU B 19 -13.21 12.67 5.59
CA LEU B 19 -13.48 13.84 6.47
C LEU B 19 -13.38 13.44 7.96
N ALA B 20 -13.60 12.17 8.33
CA ALA B 20 -13.51 11.70 9.73
C ALA B 20 -12.05 11.56 10.19
N LEU B 21 -11.10 11.54 9.28
CA LEU B 21 -9.70 11.17 9.59
C LEU B 21 -8.80 12.39 9.42
N PRO B 22 -7.62 12.45 10.07
CA PRO B 22 -6.67 13.52 9.80
C PRO B 22 -6.36 13.62 8.31
N GLU B 23 -6.08 14.84 7.87
CA GLU B 23 -6.02 15.24 6.43
C GLU B 23 -5.04 14.35 5.67
N ASN B 24 -3.95 13.89 6.31
CA ASN B 24 -2.89 13.05 5.68
C ASN B 24 -3.11 11.55 5.91
N ALA B 25 -4.23 11.12 6.51
CA ALA B 25 -4.57 9.68 6.66
C ALA B 25 -4.87 9.11 5.28
N LYS B 26 -4.72 7.79 5.12
CA LYS B 26 -5.15 7.04 3.92
C LYS B 26 -6.18 6.00 4.34
N ILE B 27 -7.01 5.55 3.39
CA ILE B 27 -8.02 4.48 3.64
C ILE B 27 -7.84 3.39 2.58
N ALA B 28 -7.61 2.16 3.05
CA ALA B 28 -7.52 0.95 2.21
C ALA B 28 -8.86 0.75 1.51
N LYS B 29 -8.83 0.32 0.24
CA LYS B 29 -10.04 -0.07 -0.53
C LYS B 29 -10.93 -1.00 0.32
N GLU B 30 -10.37 -1.99 1.01
CA GLU B 30 -11.19 -3.00 1.75
C GLU B 30 -11.88 -2.33 2.95
N ALA B 31 -11.25 -1.33 3.58
CA ALA B 31 -11.84 -0.49 4.65
C ALA B 31 -13.06 0.27 4.14
N LYS B 32 -13.01 0.81 2.90
CA LYS B 32 -14.14 1.57 2.30
C LYS B 32 -15.32 0.62 2.04
N GLU B 33 -15.03 -0.53 1.43
CA GLU B 33 -16.01 -1.61 1.11
C GLU B 33 -16.66 -2.10 2.42
N CYS B 34 -15.86 -2.36 3.46
CA CYS B 34 -16.36 -2.78 4.79
C CYS B 34 -17.33 -1.71 5.33
N MET B 35 -16.90 -0.46 5.37
CA MET B 35 -17.75 0.66 5.87
C MET B 35 -19.02 0.72 5.03
N GLN B 36 -18.93 0.54 3.72
CA GLN B 36 -20.11 0.61 2.84
C GLN B 36 -21.16 -0.43 3.27
N GLU B 37 -20.73 -1.66 3.57
CA GLU B 37 -21.64 -2.76 3.96
C GLU B 37 -22.19 -2.45 5.36
N CYS B 38 -21.35 -1.94 6.27
CA CYS B 38 -21.78 -1.59 7.65
C CYS B 38 -22.90 -0.56 7.64
N VAL B 39 -22.76 0.51 6.88
CA VAL B 39 -23.74 1.62 6.94
C VAL B 39 -25.01 1.19 6.20
N SER B 40 -24.90 0.32 5.20
CA SER B 40 -26.06 -0.23 4.45
C SER B 40 -26.89 -1.18 5.31
N GLU B 41 -26.26 -1.96 6.20
CA GLU B 41 -26.99 -2.80 7.18
C GLU B 41 -27.59 -1.90 8.26
N PHE B 42 -26.88 -0.84 8.69
CA PHE B 42 -27.45 0.17 9.61
C PHE B 42 -28.83 0.62 9.11
N ILE B 43 -28.92 0.94 7.81
CA ILE B 43 -30.22 1.33 7.18
C ILE B 43 -31.20 0.15 7.20
N SER B 44 -30.78 -1.03 6.74
CA SER B 44 -31.65 -2.23 6.53
C SER B 44 -32.19 -2.72 7.87
N PHE B 45 -31.31 -2.83 8.86
CA PHE B 45 -31.59 -3.23 10.26
C PHE B 45 -32.68 -2.34 10.85
N ILE B 46 -32.49 -1.02 10.78
CA ILE B 46 -33.46 -0.07 11.42
C ILE B 46 -34.76 -0.10 10.63
N THR B 47 -34.69 0.04 9.31
CA THR B 47 -35.88 0.02 8.41
C THR B 47 -36.75 -1.22 8.67
N SER B 48 -36.15 -2.41 8.87
CA SER B 48 -36.84 -3.72 9.08
C SER B 48 -37.68 -3.68 10.36
N GLU B 49 -37.12 -3.16 11.45
CA GLU B 49 -37.83 -2.91 12.73
C GLU B 49 -38.99 -1.93 12.50
N ALA B 50 -38.71 -0.76 11.93
CA ALA B 50 -39.73 0.28 11.64
C ALA B 50 -40.84 -0.33 10.76
N SER B 51 -40.45 -1.22 9.84
CA SER B 51 -41.33 -1.87 8.83
C SER B 51 -42.32 -2.83 9.51
N GLU B 52 -41.84 -3.70 10.40
CA GLU B 52 -42.65 -4.72 11.11
C GLU B 52 -43.74 -3.99 11.90
N LYS B 53 -43.35 -3.04 12.76
CA LYS B 53 -44.28 -2.26 13.60
C LYS B 53 -45.38 -1.67 12.72
N CYS B 54 -45.02 -1.09 11.56
CA CYS B 54 -45.97 -0.51 10.58
C CYS B 54 -47.00 -1.57 10.11
N GLN B 55 -46.55 -2.78 9.78
CA GLN B 55 -47.42 -3.90 9.30
C GLN B 55 -48.32 -4.39 10.44
N GLN B 56 -47.83 -4.38 11.68
CA GLN B 56 -48.55 -4.85 12.90
C GLN B 56 -49.61 -3.82 13.33
N GLU B 57 -49.45 -2.56 12.94
CA GLU B 57 -50.42 -1.45 13.19
C GLU B 57 -51.14 -1.09 11.89
N LYS B 58 -51.05 -1.97 10.88
CA LYS B 58 -51.91 -2.00 9.67
C LYS B 58 -51.62 -0.80 8.74
N ARG B 59 -50.55 -0.05 8.99
CA ARG B 59 -50.21 1.18 8.21
C ARG B 59 -49.38 0.78 6.98
N LYS B 60 -49.40 1.62 5.96
CA LYS B 60 -48.74 1.37 4.63
C LYS B 60 -47.41 2.14 4.59
N THR B 61 -47.42 3.41 5.01
CA THR B 61 -46.27 4.35 4.93
C THR B 61 -45.39 4.16 6.18
N VAL B 62 -44.07 4.09 5.99
CA VAL B 62 -43.02 4.21 7.04
C VAL B 62 -42.61 5.68 7.11
N ASN B 63 -42.69 6.31 8.29
CA ASN B 63 -42.49 7.76 8.46
C ASN B 63 -41.29 8.02 9.38
N GLY B 64 -41.01 9.30 9.65
CA GLY B 64 -39.87 9.76 10.45
C GLY B 64 -39.94 9.28 11.89
N GLU B 65 -41.13 9.33 12.49
CA GLU B 65 -41.36 8.88 13.90
C GLU B 65 -41.00 7.40 13.99
N ASP B 66 -41.33 6.62 12.95
CA ASP B 66 -41.12 5.15 12.92
C ASP B 66 -39.61 4.85 12.95
N ILE B 67 -38.81 5.61 12.20
CA ILE B 67 -37.32 5.45 12.17
C ILE B 67 -36.78 5.73 13.56
N LEU B 68 -37.13 6.89 14.14
CA LEU B 68 -36.69 7.28 15.50
C LEU B 68 -37.13 6.22 16.53
N PHE B 69 -38.36 5.70 16.43
CA PHE B 69 -38.89 4.69 17.40
C PHE B 69 -38.07 3.40 17.27
N ALA B 70 -37.83 2.95 16.04
CA ALA B 70 -36.98 1.78 15.71
C ALA B 70 -35.56 2.00 16.24
N MET B 71 -35.06 3.23 16.18
CA MET B 71 -33.68 3.53 16.63
C MET B 71 -33.60 3.38 18.16
N THR B 72 -34.59 3.86 18.91
CA THR B 72 -34.59 3.67 20.38
C THR B 72 -34.78 2.17 20.67
N SER B 73 -35.66 1.46 19.95
CA SER B 73 -35.96 0.01 20.20
C SER B 73 -34.66 -0.80 20.12
N LEU B 74 -33.81 -0.50 19.12
CA LEU B 74 -32.64 -1.33 18.73
C LEU B 74 -31.37 -0.90 19.47
N GLY B 75 -31.47 0.01 20.44
CA GLY B 75 -30.32 0.50 21.22
C GLY B 75 -29.50 1.55 20.46
N PHE B 76 -30.13 2.34 19.58
CA PHE B 76 -29.48 3.53 18.93
C PHE B 76 -30.07 4.82 19.52
N GLU B 77 -30.19 4.88 20.85
CA GLU B 77 -30.92 5.93 21.61
C GLU B 77 -30.32 7.31 21.33
N ASN B 78 -28.99 7.42 21.39
CA ASN B 78 -28.26 8.69 21.10
C ASN B 78 -28.65 9.20 19.70
N TYR B 79 -28.67 8.32 18.70
CA TYR B 79 -29.08 8.61 17.29
C TYR B 79 -30.53 9.08 17.25
N ALA B 80 -31.43 8.43 17.99
CA ALA B 80 -32.86 8.81 18.03
C ALA B 80 -33.03 10.19 18.68
N GLU B 81 -32.37 10.43 19.81
CA GLU B 81 -32.49 11.69 20.59
C GLU B 81 -31.94 12.87 19.76
N ALA B 82 -30.76 12.71 19.14
CA ALA B 82 -30.10 13.76 18.35
C ALA B 82 -30.95 14.10 17.11
N LEU B 83 -31.50 13.09 16.43
CA LEU B 83 -32.27 13.26 15.17
C LEU B 83 -33.71 13.72 15.47
N LYS B 84 -34.19 13.56 16.70
CA LYS B 84 -35.53 14.01 17.14
C LYS B 84 -35.62 15.52 16.84
N ILE B 85 -34.64 16.25 17.37
CA ILE B 85 -34.45 17.72 17.21
C ILE B 85 -34.55 18.07 15.72
N TYR B 86 -33.81 17.37 14.88
CA TYR B 86 -33.74 17.53 13.39
C TYR B 86 -35.14 17.32 12.78
N LEU B 87 -35.85 16.25 13.16
CA LEU B 87 -37.16 15.86 12.56
C LEU B 87 -38.22 16.92 12.84
N SER B 88 -38.25 17.49 14.04
CA SER B 88 -39.22 18.54 14.47
C SER B 88 -39.09 19.74 13.53
N LYS B 89 -37.87 20.23 13.31
CA LYS B 89 -37.53 21.39 12.42
C LYS B 89 -38.04 21.12 10.99
N TYR B 90 -38.00 19.88 10.52
CA TYR B 90 -38.39 19.49 9.14
C TYR B 90 -39.86 19.86 8.86
N ARG B 91 -40.73 19.78 9.89
CA ARG B 91 -42.21 19.81 9.76
C ARG B 91 -42.78 21.23 9.95
N GLU B 92 -42.22 22.00 10.89
CA GLU B 92 -42.69 23.37 11.28
C GLU B 92 -42.85 24.26 10.03
N GLY C 2 -27.39 6.20 30.58
CA GLY C 2 -28.60 6.94 30.09
C GLY C 2 -28.67 7.00 28.57
N THR C 3 -29.01 8.18 28.04
CA THR C 3 -29.34 8.44 26.61
C THR C 3 -28.07 8.40 25.74
N TRP C 4 -26.93 8.79 26.30
CA TRP C 4 -25.67 9.07 25.57
C TRP C 4 -24.59 8.03 25.89
N ALA C 5 -24.95 6.97 26.62
CA ALA C 5 -24.08 5.80 26.94
C ALA C 5 -23.26 5.35 25.71
N ASN C 6 -23.88 5.32 24.52
CA ASN C 6 -23.27 4.81 23.25
C ASN C 6 -22.15 5.75 22.76
N VAL C 7 -22.15 7.03 23.15
CA VAL C 7 -21.12 8.01 22.67
C VAL C 7 -19.73 7.48 23.04
N ASN C 8 -19.61 6.98 24.27
CA ASN C 8 -18.33 6.68 24.98
C ASN C 8 -18.14 5.17 25.19
N GLN C 9 -19.16 4.36 24.95
CA GLN C 9 -19.14 2.90 25.25
C GLN C 9 -17.86 2.30 24.65
N GLY C 10 -16.98 1.73 25.50
CA GLY C 10 -15.80 0.95 25.11
C GLY C 10 -14.57 1.81 24.86
N LEU C 11 -14.68 3.14 24.96
CA LEU C 11 -13.54 4.05 24.68
C LEU C 11 -12.86 4.43 26.00
N GLN C 12 -11.55 4.65 25.96
CA GLN C 12 -10.76 5.13 27.12
C GLN C 12 -9.94 6.36 26.70
N GLY C 13 -9.46 7.12 27.70
CA GLY C 13 -8.50 8.23 27.54
C GLY C 13 -9.00 9.31 26.62
N THR C 14 -8.17 9.70 25.64
CA THR C 14 -8.38 10.89 24.78
C THR C 14 -9.56 10.63 23.83
N ALA C 15 -9.72 9.38 23.38
CA ALA C 15 -10.74 8.95 22.38
C ALA C 15 -12.12 9.32 22.91
N ARG C 16 -12.31 9.11 24.20
CA ARG C 16 -13.56 9.33 24.96
C ARG C 16 -13.98 10.81 24.85
N ASP C 17 -13.07 11.72 25.16
CA ASP C 17 -13.34 13.18 25.05
C ASP C 17 -13.58 13.55 23.59
N ILE C 18 -12.82 12.99 22.65
CA ILE C 18 -12.95 13.36 21.22
C ILE C 18 -14.31 12.88 20.67
N LEU C 19 -14.76 11.67 21.00
CA LEU C 19 -16.08 11.20 20.49
C LEU C 19 -17.21 12.02 21.14
N THR C 20 -17.11 12.33 22.43
CA THR C 20 -18.10 13.18 23.15
C THR C 20 -18.13 14.57 22.48
N THR C 21 -16.98 15.15 22.15
CA THR C 21 -16.91 16.49 21.52
C THR C 21 -17.50 16.40 20.11
N TYR C 22 -17.18 15.33 19.37
CA TYR C 22 -17.83 15.10 18.05
C TYR C 22 -19.37 15.08 18.24
N TRP C 23 -19.90 14.37 19.25
CA TRP C 23 -21.37 14.27 19.41
C TRP C 23 -21.97 15.62 19.80
N GLN C 24 -21.28 16.42 20.63
CA GLN C 24 -21.72 17.80 20.98
C GLN C 24 -21.76 18.66 19.72
N HIS C 25 -20.79 18.50 18.81
CA HIS C 25 -20.78 19.21 17.51
C HIS C 25 -21.95 18.74 16.65
N VAL C 26 -22.21 17.43 16.57
CA VAL C 26 -23.36 16.89 15.78
C VAL C 26 -24.65 17.50 16.34
N ILE C 27 -24.80 17.52 17.65
CA ILE C 27 -26.06 18.01 18.30
C ILE C 27 -26.21 19.52 18.08
N ASN C 28 -25.15 20.32 18.26
CA ASN C 28 -25.21 21.78 17.98
C ASN C 28 -25.74 21.97 16.55
N HIS C 29 -25.26 21.15 15.61
CA HIS C 29 -25.59 21.29 14.16
C HIS C 29 -27.07 20.97 13.96
N LEU C 30 -27.56 19.86 14.54
CA LEU C 30 -28.96 19.44 14.34
C LEU C 30 -29.91 20.44 15.03
N GLU C 31 -29.43 21.16 16.06
CA GLU C 31 -30.21 22.17 16.83
C GLU C 31 -30.29 23.52 16.09
N SER C 32 -29.44 23.77 15.09
CA SER C 32 -29.44 25.02 14.27
C SER C 32 -30.80 25.17 13.58
N ASP C 33 -31.23 26.41 13.34
CA ASP C 33 -32.65 26.76 13.03
C ASP C 33 -32.92 26.78 11.51
N ASN C 34 -31.87 26.71 10.66
CA ASN C 34 -31.97 26.90 9.18
C ASN C 34 -31.35 25.71 8.43
N HIS C 35 -32.00 24.54 8.46
CA HIS C 35 -31.56 23.32 7.73
C HIS C 35 -32.00 23.42 6.26
N ASP C 36 -31.15 22.91 5.37
CA ASP C 36 -31.44 22.67 3.93
C ASP C 36 -31.71 21.17 3.80
N TYR C 37 -32.92 20.78 3.43
CA TYR C 37 -33.35 19.35 3.36
C TYR C 37 -33.31 18.84 1.91
N LYS C 38 -32.56 19.53 1.04
CA LYS C 38 -32.50 19.27 -0.43
C LYS C 38 -31.19 18.54 -0.75
N ILE C 39 -31.17 17.22 -0.56
CA ILE C 39 -29.98 16.33 -0.73
C ILE C 39 -30.09 15.61 -2.09
N HIS C 40 -28.95 15.23 -2.68
CA HIS C 40 -28.82 14.91 -4.13
C HIS C 40 -29.78 13.78 -4.53
N GLN C 41 -30.42 13.94 -5.70
CA GLN C 41 -31.42 13.01 -6.27
C GLN C 41 -30.90 11.56 -6.25
N LEU C 42 -29.63 11.33 -6.57
CA LEU C 42 -29.03 9.97 -6.74
C LEU C 42 -28.82 9.33 -5.35
N LEU C 43 -28.43 10.10 -4.33
CA LEU C 43 -28.17 9.56 -2.97
C LEU C 43 -29.50 9.11 -2.34
N LEU C 44 -30.58 9.90 -2.52
CA LEU C 44 -31.93 9.59 -1.95
C LEU C 44 -32.59 8.47 -2.76
N ALA C 45 -32.32 8.38 -4.06
CA ALA C 45 -32.77 7.26 -4.91
C ALA C 45 -32.16 5.96 -4.38
N ARG C 46 -30.89 6.01 -3.95
CA ARG C 46 -30.12 4.82 -3.50
C ARG C 46 -30.54 4.45 -2.07
N ILE C 47 -30.75 5.43 -1.19
CA ILE C 47 -31.24 5.19 0.21
C ILE C 47 -32.59 4.47 0.15
N LYS C 48 -33.53 5.00 -0.63
CA LYS C 48 -34.88 4.41 -0.85
C LYS C 48 -34.73 2.99 -1.40
N LYS C 49 -33.79 2.76 -2.31
CA LYS C 49 -33.58 1.42 -2.93
C LYS C 49 -33.10 0.43 -1.87
N VAL C 50 -32.28 0.87 -0.91
CA VAL C 50 -31.78 0.01 0.21
C VAL C 50 -32.99 -0.36 1.09
N MET C 51 -33.81 0.64 1.42
CA MET C 51 -35.04 0.47 2.23
C MET C 51 -35.99 -0.50 1.52
N LYS C 52 -36.13 -0.35 0.20
CA LYS C 52 -37.14 -1.05 -0.65
C LYS C 52 -36.69 -2.48 -0.99
N ALA C 53 -35.40 -2.82 -0.79
CA ALA C 53 -34.85 -4.18 -0.98
C ALA C 53 -35.52 -5.16 -0.01
N ASP C 54 -36.10 -4.67 1.08
CA ASP C 54 -36.89 -5.45 2.07
C ASP C 54 -38.31 -5.62 1.52
N PRO C 55 -38.78 -6.86 1.24
CA PRO C 55 -40.15 -7.06 0.76
C PRO C 55 -41.26 -6.53 1.68
N GLU C 56 -41.00 -6.40 2.98
CA GLU C 56 -41.99 -6.02 4.02
C GLU C 56 -42.31 -4.52 3.93
N VAL C 57 -41.37 -3.72 3.42
CA VAL C 57 -41.56 -2.25 3.21
C VAL C 57 -42.51 -2.08 2.02
N LYS C 58 -43.48 -1.17 2.13
CA LYS C 58 -44.40 -0.85 1.02
C LYS C 58 -44.13 0.60 0.57
N MET C 59 -44.65 1.58 1.29
CA MET C 59 -44.52 3.02 0.94
C MET C 59 -43.60 3.69 1.96
N ILE C 60 -42.74 4.59 1.50
CA ILE C 60 -41.72 5.31 2.32
C ILE C 60 -42.00 6.81 2.26
N SER C 61 -42.25 7.42 3.42
CA SER C 61 -42.33 8.89 3.64
C SER C 61 -41.08 9.58 3.07
N ALA C 62 -41.18 10.86 2.73
CA ALA C 62 -40.03 11.70 2.28
C ALA C 62 -39.10 11.98 3.47
N GLU C 63 -39.64 11.96 4.68
CA GLU C 63 -38.94 12.21 5.97
C GLU C 63 -37.87 11.13 6.21
N ALA C 64 -38.23 9.86 6.01
CA ALA C 64 -37.41 8.70 6.40
C ALA C 64 -36.04 8.78 5.73
N PRO C 65 -35.93 8.85 4.39
CA PRO C 65 -34.63 8.96 3.73
C PRO C 65 -33.82 10.16 4.21
N ILE C 66 -34.46 11.22 4.68
CA ILE C 66 -33.75 12.45 5.12
C ILE C 66 -33.15 12.19 6.50
N LEU C 67 -33.85 11.46 7.37
CA LEU C 67 -33.29 11.06 8.69
C LEU C 67 -32.06 10.17 8.48
N PHE C 68 -32.13 9.24 7.53
CA PHE C 68 -31.04 8.25 7.26
C PHE C 68 -29.83 8.97 6.66
N ALA C 69 -30.01 9.90 5.72
CA ALA C 69 -28.90 10.65 5.10
C ALA C 69 -28.06 11.26 6.22
N LYS C 70 -28.71 11.91 7.19
CA LYS C 70 -28.04 12.58 8.33
C LYS C 70 -27.49 11.51 9.28
N GLY C 71 -28.30 10.53 9.65
CA GLY C 71 -27.87 9.47 10.57
C GLY C 71 -26.68 8.70 10.04
N CYS C 72 -26.65 8.42 8.73
CA CYS C 72 -25.54 7.64 8.10
C CYS C 72 -24.24 8.45 8.13
N ASP C 73 -24.28 9.79 7.96
CA ASP C 73 -23.07 10.63 8.06
C ASP C 73 -22.49 10.47 9.46
N VAL C 74 -23.35 10.45 10.49
CA VAL C 74 -22.88 10.35 11.90
C VAL C 74 -22.30 8.96 12.12
N PHE C 75 -23.02 7.92 11.68
CA PHE C 75 -22.59 6.51 11.80
C PHE C 75 -21.20 6.34 11.20
N ILE C 76 -21.06 6.70 9.92
CA ILE C 76 -19.77 6.55 9.19
C ILE C 76 -18.70 7.30 9.97
N THR C 77 -18.97 8.53 10.40
CA THR C 77 -17.94 9.40 11.04
C THR C 77 -17.48 8.79 12.36
N GLU C 78 -18.43 8.45 13.23
CA GLU C 78 -18.08 7.91 14.58
C GLU C 78 -17.40 6.55 14.41
N LEU C 79 -17.82 5.72 13.48
CA LEU C 79 -17.14 4.40 13.33
C LEU C 79 -15.74 4.64 12.72
N THR C 80 -15.61 5.51 11.73
CA THR C 80 -14.27 5.76 11.17
C THR C 80 -13.37 6.28 12.31
N MET C 81 -13.84 7.27 13.08
CA MET C 81 -13.06 7.82 14.23
C MET C 81 -12.73 6.71 15.24
N ARG C 82 -13.66 5.78 15.51
CA ARG C 82 -13.39 4.66 16.46
C ARG C 82 -12.35 3.74 15.84
N ALA C 83 -12.37 3.50 14.53
CA ALA C 83 -11.43 2.57 13.85
C ALA C 83 -10.03 3.22 13.79
N TRP C 84 -9.97 4.52 13.59
CA TRP C 84 -8.68 5.27 13.53
C TRP C 84 -7.83 5.03 14.79
N ILE C 85 -8.44 4.94 15.98
CA ILE C 85 -7.73 4.64 17.26
C ILE C 85 -6.83 3.41 17.08
N HIS C 86 -7.35 2.34 16.47
CA HIS C 86 -6.62 1.06 16.29
C HIS C 86 -5.51 1.25 15.25
N ALA C 87 -5.71 2.12 14.25
CA ALA C 87 -4.66 2.47 13.25
C ALA C 87 -3.50 3.14 13.98
N GLU C 88 -3.77 4.12 14.85
CA GLU C 88 -2.77 4.80 15.71
C GLU C 88 -2.04 3.81 16.63
N ASP C 89 -2.76 2.95 17.36
CA ASP C 89 -2.14 1.92 18.24
C ASP C 89 -1.12 1.06 17.47
N ASN C 90 -1.33 0.81 16.17
CA ASN C 90 -0.46 -0.07 15.34
C ASN C 90 0.55 0.79 14.53
N LYS C 91 0.74 2.06 14.92
CA LYS C 91 1.69 3.05 14.31
C LYS C 91 1.47 3.16 12.79
N ARG C 92 0.21 3.17 12.34
CA ARG C 92 -0.20 3.24 10.92
C ARG C 92 -0.95 4.55 10.65
N ARG C 93 -0.84 5.03 9.41
CA ARG C 93 -1.58 6.20 8.89
C ARG C 93 -2.55 5.75 7.78
N THR C 94 -2.59 4.47 7.43
CA THR C 94 -3.63 3.86 6.55
C THR C 94 -4.63 3.06 7.39
N LEU C 95 -5.92 3.42 7.32
CA LEU C 95 -7.02 2.63 7.93
C LEU C 95 -7.20 1.32 7.15
N GLN C 96 -7.24 0.19 7.86
CA GLN C 96 -7.47 -1.17 7.30
C GLN C 96 -8.84 -1.71 7.77
N ARG C 97 -9.34 -2.75 7.11
CA ARG C 97 -10.60 -3.42 7.50
C ARG C 97 -10.52 -3.85 8.97
N SER C 98 -9.36 -4.32 9.43
CA SER C 98 -9.19 -4.90 10.80
C SER C 98 -9.32 -3.81 11.87
N ASP C 99 -9.08 -2.54 11.51
CA ASP C 99 -9.32 -1.39 12.43
C ASP C 99 -10.81 -1.22 12.64
N ILE C 100 -11.60 -1.42 11.60
CA ILE C 100 -13.09 -1.35 11.72
C ILE C 100 -13.56 -2.52 12.60
N ALA C 101 -13.14 -3.76 12.31
CA ALA C 101 -13.48 -4.99 13.08
C ALA C 101 -13.18 -4.79 14.58
N ALA C 102 -11.95 -4.39 14.90
CA ALA C 102 -11.51 -4.02 16.27
C ALA C 102 -12.45 -2.98 16.89
N ALA C 103 -12.86 -1.95 16.15
CA ALA C 103 -13.73 -0.89 16.71
C ALA C 103 -15.13 -1.45 17.01
N LEU C 104 -15.67 -2.29 16.11
CA LEU C 104 -17.00 -2.91 16.30
C LEU C 104 -17.00 -3.75 17.60
N SER C 105 -15.88 -4.34 18.00
CA SER C 105 -15.83 -5.27 19.16
C SER C 105 -15.85 -4.50 20.50
N LYS C 106 -15.71 -3.16 20.50
CA LYS C 106 -15.58 -2.38 21.75
C LYS C 106 -16.94 -2.01 22.33
N SER C 107 -18.01 -2.06 21.52
CA SER C 107 -19.38 -1.65 21.92
C SER C 107 -20.44 -2.57 21.32
N ASP C 108 -21.43 -2.94 22.14
CA ASP C 108 -22.53 -3.89 21.82
C ASP C 108 -23.58 -3.17 20.96
N MET C 109 -23.49 -1.84 20.83
CA MET C 109 -24.29 -1.10 19.81
C MET C 109 -24.03 -1.68 18.39
N PHE C 110 -22.84 -2.24 18.14
CA PHE C 110 -22.43 -2.73 16.80
C PHE C 110 -22.70 -4.25 16.66
N ASP C 111 -23.40 -4.86 17.62
CA ASP C 111 -23.69 -6.33 17.60
C ASP C 111 -24.49 -6.67 16.33
N PHE C 112 -25.39 -5.79 15.87
CA PHE C 112 -26.17 -5.96 14.62
C PHE C 112 -25.26 -6.23 13.40
N LEU C 113 -23.94 -6.00 13.49
CA LEU C 113 -23.02 -6.14 12.32
C LEU C 113 -22.19 -7.43 12.42
N ILE C 114 -22.51 -8.28 13.39
CA ILE C 114 -21.83 -9.58 13.67
C ILE C 114 -21.64 -10.42 12.38
N ASP C 115 -22.61 -10.45 11.46
CA ASP C 115 -22.51 -11.25 10.21
C ASP C 115 -21.91 -10.45 9.03
N ILE C 116 -21.89 -9.12 9.12
CA ILE C 116 -21.37 -8.23 8.05
C ILE C 116 -19.85 -8.17 8.21
N VAL C 117 -19.36 -8.21 9.44
CA VAL C 117 -17.90 -8.18 9.72
C VAL C 117 -17.59 -9.34 10.67
N PRO C 118 -17.42 -10.59 10.18
CA PRO C 118 -17.10 -11.71 11.06
C PRO C 118 -15.81 -11.40 11.84
N ARG C 119 -15.83 -11.67 13.14
CA ARG C 119 -14.68 -11.45 14.07
C ARG C 119 -14.94 -12.32 15.31
N GLU D 2 33.75 17.20 -30.29
CA GLU D 2 32.67 17.52 -29.31
C GLU D 2 31.53 18.28 -30.00
N SER D 3 31.82 19.40 -30.68
CA SER D 3 30.80 20.36 -31.18
C SER D 3 31.03 20.63 -32.67
N PRO D 4 30.13 20.17 -33.57
CA PRO D 4 30.38 20.24 -35.01
C PRO D 4 29.77 21.49 -35.66
N LEU D 5 30.39 22.01 -36.72
CA LEU D 5 29.93 23.26 -37.40
C LEU D 5 28.68 22.92 -38.21
N TYR D 6 28.72 21.86 -39.00
CA TYR D 6 27.62 21.41 -39.89
C TYR D 6 26.93 20.20 -39.27
N VAL D 7 25.60 20.27 -39.18
CA VAL D 7 24.71 19.16 -38.75
C VAL D 7 23.70 18.95 -39.88
N ASN D 8 22.79 17.99 -39.70
CA ASN D 8 21.73 17.62 -40.69
C ASN D 8 21.23 18.89 -41.39
N ALA D 9 21.40 19.01 -42.71
CA ALA D 9 21.06 20.20 -43.53
C ALA D 9 19.55 20.45 -43.50
N LYS D 10 18.75 19.40 -43.29
CA LYS D 10 17.28 19.58 -43.20
C LYS D 10 16.88 20.10 -41.82
N GLN D 11 17.75 20.03 -40.79
CA GLN D 11 17.37 20.32 -39.37
C GLN D 11 18.01 21.61 -38.83
N PHE D 12 19.14 22.06 -39.38
CA PHE D 12 20.00 23.14 -38.81
C PHE D 12 19.18 24.39 -38.47
N HIS D 13 18.42 24.90 -39.44
CA HIS D 13 17.63 26.15 -39.32
C HIS D 13 16.56 25.99 -38.24
N ARG D 14 15.95 24.82 -38.13
CA ARG D 14 14.89 24.59 -37.10
C ARG D 14 15.53 24.45 -35.71
N ILE D 15 16.73 23.85 -35.64
CA ILE D 15 17.53 23.72 -34.39
C ILE D 15 17.86 25.15 -33.87
N LEU D 16 18.35 26.05 -34.73
CA LEU D 16 18.70 27.44 -34.33
C LEU D 16 17.46 28.10 -33.73
N LYS D 17 16.29 27.92 -34.36
CA LYS D 17 15.03 28.61 -33.97
C LYS D 17 14.54 28.05 -32.63
N ARG D 18 14.63 26.73 -32.45
CA ARG D 18 14.26 26.02 -31.19
C ARG D 18 15.20 26.45 -30.06
N ARG D 19 16.47 26.76 -30.36
CA ARG D 19 17.41 27.29 -29.34
C ARG D 19 16.89 28.64 -28.84
N VAL D 20 16.34 29.44 -29.75
CA VAL D 20 15.84 30.81 -29.44
C VAL D 20 14.56 30.66 -28.63
N ALA D 21 13.64 29.81 -29.10
CA ALA D 21 12.32 29.57 -28.49
C ALA D 21 12.49 28.95 -27.08
N ARG D 22 13.46 28.05 -26.90
CA ARG D 22 13.73 27.39 -25.59
C ARG D 22 14.33 28.41 -24.61
N GLN D 23 15.17 29.32 -25.09
CA GLN D 23 15.80 30.38 -24.25
C GLN D 23 14.71 31.31 -23.71
N LYS D 24 13.78 31.75 -24.57
CA LYS D 24 12.63 32.61 -24.19
C LYS D 24 11.80 31.92 -23.10
N LEU D 25 11.28 30.72 -23.36
CA LEU D 25 10.52 29.89 -22.37
C LEU D 25 11.25 29.92 -21.02
N GLU D 26 12.56 29.63 -21.00
CA GLU D 26 13.40 29.54 -19.77
C GLU D 26 13.47 30.92 -19.08
N GLU D 27 13.56 32.02 -19.84
CA GLU D 27 13.66 33.40 -19.30
C GLU D 27 12.27 33.92 -18.92
N GLN D 28 11.21 33.44 -19.60
CA GLN D 28 9.78 33.72 -19.27
C GLN D 28 9.34 32.87 -18.07
N LEU D 29 9.82 31.62 -17.99
CA LEU D 29 9.63 30.69 -16.83
C LEU D 29 10.14 31.39 -15.56
N ARG D 30 11.37 31.93 -15.60
CA ARG D 30 12.03 32.63 -14.47
C ARG D 30 11.50 34.07 -14.39
N GLN E 4 4.85 19.40 -16.09
CA GLN E 4 4.87 20.69 -16.87
C GLN E 4 4.49 20.44 -18.34
N ASP E 5 3.95 21.46 -19.00
CA ASP E 5 3.35 21.40 -20.36
C ASP E 5 4.39 20.96 -21.40
N ARG E 6 5.68 21.22 -21.14
CA ARG E 6 6.80 20.98 -22.09
C ARG E 6 7.03 19.48 -22.34
N TRP E 7 6.58 18.61 -21.43
CA TRP E 7 6.96 17.18 -21.39
C TRP E 7 5.72 16.28 -21.39
N LEU E 8 5.75 15.20 -22.16
CA LEU E 8 4.76 14.09 -22.05
C LEU E 8 4.91 13.43 -20.68
N PRO E 9 3.83 12.88 -20.09
CA PRO E 9 3.93 12.23 -18.79
C PRO E 9 4.85 11.00 -18.89
N ILE E 10 5.70 10.81 -17.88
CA ILE E 10 6.82 9.84 -17.91
C ILE E 10 6.33 8.38 -17.83
N ALA E 11 5.20 8.09 -17.15
CA ALA E 11 4.65 6.70 -17.04
C ALA E 11 4.41 6.14 -18.45
N ASN E 12 3.68 6.88 -19.30
CA ASN E 12 3.41 6.50 -20.71
C ASN E 12 4.74 6.25 -21.44
N VAL E 13 5.74 7.11 -21.23
CA VAL E 13 7.05 6.98 -21.95
C VAL E 13 7.73 5.69 -21.50
N ALA E 14 7.79 5.46 -20.18
CA ALA E 14 8.42 4.28 -19.56
C ALA E 14 7.75 2.99 -20.06
N ARG E 15 6.43 3.01 -20.25
CA ARG E 15 5.64 1.82 -20.67
C ARG E 15 6.07 1.45 -22.09
N ILE E 16 6.12 2.42 -23.02
CA ILE E 16 6.52 2.18 -24.44
C ILE E 16 7.94 1.63 -24.45
N MET E 17 8.88 2.24 -23.71
CA MET E 17 10.28 1.76 -23.59
C MET E 17 10.31 0.31 -23.10
N LYS E 18 9.56 -0.03 -22.06
CA LYS E 18 9.57 -1.38 -21.46
C LYS E 18 9.17 -2.40 -22.54
N LEU E 19 8.17 -2.09 -23.37
CA LEU E 19 7.67 -2.95 -24.48
C LEU E 19 8.72 -3.08 -25.58
N ALA E 20 9.64 -2.12 -25.73
CA ALA E 20 10.71 -2.14 -26.76
C ALA E 20 11.88 -3.03 -26.35
N LEU E 21 12.00 -3.36 -25.06
CA LEU E 21 13.19 -4.07 -24.52
C LEU E 21 12.80 -5.52 -24.24
N PRO E 22 13.78 -6.44 -24.12
CA PRO E 22 13.50 -7.79 -23.63
C PRO E 22 12.80 -7.74 -22.28
N GLU E 23 11.96 -8.75 -22.04
CA GLU E 23 11.04 -8.84 -20.90
C GLU E 23 11.84 -8.68 -19.60
N ASN E 24 13.10 -9.14 -19.57
CA ASN E 24 13.95 -9.16 -18.35
C ASN E 24 14.82 -7.89 -18.24
N ALA E 25 14.66 -6.91 -19.13
CA ALA E 25 15.52 -5.69 -19.13
C ALA E 25 15.04 -4.72 -18.04
N LYS E 26 15.97 -3.98 -17.45
CA LYS E 26 15.71 -2.84 -16.53
C LYS E 26 15.89 -1.51 -17.29
N ILE E 27 15.29 -0.43 -16.79
CA ILE E 27 15.47 0.96 -17.32
C ILE E 27 15.81 1.88 -16.16
N ALA E 28 17.00 2.50 -16.20
CA ALA E 28 17.47 3.53 -15.23
C ALA E 28 16.52 4.72 -15.27
N LYS E 29 16.23 5.33 -14.11
CA LYS E 29 15.41 6.57 -14.00
C LYS E 29 15.93 7.63 -14.99
N GLU E 30 17.24 7.80 -15.07
CA GLU E 30 17.90 8.81 -15.95
C GLU E 30 17.62 8.52 -17.44
N ALA E 31 17.50 7.24 -17.81
CA ALA E 31 17.21 6.80 -19.19
C ALA E 31 15.76 7.15 -19.55
N LYS E 32 14.83 6.97 -18.60
CA LYS E 32 13.39 7.30 -18.77
C LYS E 32 13.25 8.81 -18.96
N GLU E 33 13.89 9.59 -18.09
CA GLU E 33 13.87 11.08 -18.07
C GLU E 33 14.50 11.59 -19.38
N CYS E 34 15.54 10.95 -19.87
CA CYS E 34 16.19 11.34 -21.14
C CYS E 34 15.22 11.08 -22.29
N MET E 35 14.55 9.93 -22.30
CA MET E 35 13.63 9.57 -23.41
C MET E 35 12.45 10.53 -23.40
N GLN E 36 11.97 10.91 -22.23
CA GLN E 36 10.88 11.91 -22.07
C GLN E 36 11.24 13.23 -22.74
N GLU E 37 12.46 13.72 -22.51
CA GLU E 37 12.93 15.03 -23.05
C GLU E 37 13.00 14.91 -24.57
N CYS E 38 13.60 13.82 -25.06
CA CYS E 38 13.78 13.53 -26.52
C CYS E 38 12.44 13.54 -27.25
N VAL E 39 11.44 12.77 -26.76
CA VAL E 39 10.15 12.59 -27.50
C VAL E 39 9.38 13.90 -27.43
N SER E 40 9.49 14.63 -26.33
CA SER E 40 8.87 15.97 -26.14
C SER E 40 9.47 16.98 -27.11
N GLU E 41 10.79 17.01 -27.28
CA GLU E 41 11.42 17.87 -28.34
C GLU E 41 10.99 17.39 -29.73
N PHE E 42 10.94 16.07 -29.99
CA PHE E 42 10.41 15.53 -31.27
C PHE E 42 9.10 16.22 -31.61
N ILE E 43 8.16 16.28 -30.66
CA ILE E 43 6.86 16.98 -30.88
C ILE E 43 7.12 18.47 -31.15
N SER E 44 7.88 19.15 -30.29
CA SER E 44 8.05 20.62 -30.28
C SER E 44 8.79 21.06 -31.55
N PHE E 45 9.76 20.27 -31.99
CA PHE E 45 10.61 20.51 -33.19
C PHE E 45 9.75 20.45 -34.46
N ILE E 46 9.03 19.34 -34.65
CA ILE E 46 8.13 19.18 -35.83
C ILE E 46 7.03 20.24 -35.79
N THR E 47 6.40 20.44 -34.64
CA THR E 47 5.32 21.44 -34.45
C THR E 47 5.79 22.86 -34.83
N SER E 48 7.03 23.25 -34.51
CA SER E 48 7.57 24.60 -34.73
C SER E 48 7.71 24.84 -36.25
N GLU E 49 8.24 23.87 -36.99
CA GLU E 49 8.36 23.87 -38.48
C GLU E 49 6.97 23.94 -39.10
N ALA E 50 6.02 23.11 -38.65
CA ALA E 50 4.63 23.16 -39.14
C ALA E 50 4.06 24.56 -38.84
N SER E 51 4.30 25.09 -37.63
CA SER E 51 3.72 26.36 -37.12
C SER E 51 4.22 27.59 -37.89
N GLU E 52 5.48 27.59 -38.34
CA GLU E 52 6.08 28.73 -39.10
C GLU E 52 5.50 28.73 -40.51
N LYS E 53 5.40 27.58 -41.17
CA LYS E 53 4.83 27.45 -42.54
C LYS E 53 3.40 28.01 -42.52
N CYS E 54 2.59 27.62 -41.53
CA CYS E 54 1.21 28.13 -41.29
C CYS E 54 1.22 29.67 -41.22
N GLN E 55 2.09 30.25 -40.39
CA GLN E 55 2.18 31.73 -40.17
C GLN E 55 2.50 32.42 -41.50
N GLN E 56 3.55 31.95 -42.18
CA GLN E 56 4.06 32.43 -43.51
C GLN E 56 2.96 32.37 -44.57
N GLU E 57 2.05 31.38 -44.49
CA GLU E 57 0.89 31.22 -45.41
C GLU E 57 -0.41 31.67 -44.71
N LYS E 58 -0.29 32.45 -43.63
CA LYS E 58 -1.37 33.28 -43.02
C LYS E 58 -2.54 32.41 -42.54
N ARG E 59 -2.32 31.11 -42.32
CA ARG E 59 -3.34 30.13 -41.84
C ARG E 59 -3.26 30.04 -40.31
N LYS E 60 -4.40 29.77 -39.67
CA LYS E 60 -4.55 29.84 -38.20
C LYS E 60 -4.44 28.43 -37.58
N THR E 61 -5.04 27.44 -38.24
CA THR E 61 -5.07 26.02 -37.77
C THR E 61 -3.85 25.28 -38.33
N VAL E 62 -3.23 24.43 -37.52
CA VAL E 62 -2.19 23.45 -37.98
C VAL E 62 -2.87 22.07 -38.04
N ASN E 63 -2.79 21.42 -39.21
CA ASN E 63 -3.55 20.19 -39.55
C ASN E 63 -2.58 19.02 -39.78
N GLY E 64 -3.11 17.82 -40.02
CA GLY E 64 -2.32 16.59 -40.21
C GLY E 64 -1.30 16.74 -41.32
N GLU E 65 -1.70 17.26 -42.48
CA GLU E 65 -0.82 17.40 -43.67
C GLU E 65 0.33 18.37 -43.37
N ASP E 66 0.17 19.31 -42.43
CA ASP E 66 1.26 20.26 -42.03
C ASP E 66 2.30 19.50 -41.20
N ILE E 67 1.84 18.65 -40.27
CA ILE E 67 2.72 17.79 -39.44
C ILE E 67 3.53 16.90 -40.39
N LEU E 68 2.88 16.26 -41.36
CA LEU E 68 3.55 15.37 -42.35
C LEU E 68 4.50 16.20 -43.23
N PHE E 69 4.06 17.36 -43.69
CA PHE E 69 4.93 18.22 -44.56
C PHE E 69 6.17 18.61 -43.75
N ALA E 70 6.00 18.99 -42.48
CA ALA E 70 7.11 19.35 -41.56
C ALA E 70 8.02 18.13 -41.29
N MET E 71 7.48 16.92 -41.22
CA MET E 71 8.30 15.72 -40.92
C MET E 71 9.19 15.47 -42.15
N THR E 72 8.62 15.58 -43.35
CA THR E 72 9.35 15.39 -44.63
C THR E 72 10.49 16.41 -44.71
N SER E 73 10.23 17.69 -44.46
CA SER E 73 11.22 18.78 -44.71
C SER E 73 12.36 18.69 -43.69
N LEU E 74 12.06 18.20 -42.46
CA LEU E 74 13.04 18.06 -41.35
C LEU E 74 13.81 16.73 -41.40
N GLY E 75 13.62 15.91 -42.42
CA GLY E 75 14.37 14.65 -42.57
C GLY E 75 13.79 13.51 -41.74
N PHE E 76 12.49 13.52 -41.43
CA PHE E 76 11.76 12.33 -40.90
C PHE E 76 10.87 11.72 -42.00
N GLU E 77 11.42 11.46 -43.18
CA GLU E 77 10.64 11.07 -44.39
C GLU E 77 9.95 9.72 -44.14
N ASN E 78 10.63 8.78 -43.49
CA ASN E 78 10.04 7.44 -43.15
C ASN E 78 8.78 7.65 -42.28
N TYR E 79 8.83 8.59 -41.34
CA TYR E 79 7.72 8.92 -40.40
C TYR E 79 6.55 9.53 -41.16
N ALA E 80 6.85 10.41 -42.13
CA ALA E 80 5.85 11.08 -42.99
C ALA E 80 5.10 10.05 -43.84
N GLU E 81 5.83 9.18 -44.56
CA GLU E 81 5.29 8.19 -45.52
C GLU E 81 4.49 7.10 -44.81
N ALA E 82 4.92 6.67 -43.61
CA ALA E 82 4.23 5.65 -42.78
C ALA E 82 2.93 6.23 -42.24
N LEU E 83 2.99 7.46 -41.70
CA LEU E 83 1.81 8.12 -41.08
C LEU E 83 0.85 8.65 -42.15
N LYS E 84 1.31 8.83 -43.39
CA LYS E 84 0.48 9.28 -44.53
C LYS E 84 -0.69 8.31 -44.65
N ILE E 85 -0.37 7.02 -44.70
CA ILE E 85 -1.30 5.88 -44.83
C ILE E 85 -2.36 5.95 -43.71
N TYR E 86 -1.91 6.22 -42.48
CA TYR E 86 -2.73 6.34 -41.24
C TYR E 86 -3.69 7.55 -41.35
N LEU E 87 -3.20 8.70 -41.82
CA LEU E 87 -3.99 9.97 -41.91
C LEU E 87 -5.19 9.80 -42.85
N SER E 88 -5.02 9.14 -44.00
CA SER E 88 -6.06 8.93 -45.03
C SER E 88 -7.18 8.01 -44.53
N LYS E 89 -6.92 7.17 -43.52
CA LYS E 89 -7.96 6.29 -42.88
C LYS E 89 -8.78 7.13 -41.91
N TYR E 90 -8.16 8.08 -41.21
CA TYR E 90 -8.81 8.96 -40.20
C TYR E 90 -9.89 9.79 -40.88
N GLY F 2 16.47 5.88 -50.24
CA GLY F 2 15.71 7.17 -50.35
C GLY F 2 14.79 7.39 -49.15
N THR F 3 13.56 6.90 -49.21
CA THR F 3 12.45 7.24 -48.28
C THR F 3 12.60 6.48 -46.94
N TRP F 4 13.31 5.35 -46.90
CA TRP F 4 13.48 4.47 -45.71
C TRP F 4 14.94 4.41 -45.23
N ALA F 5 15.80 5.29 -45.76
CA ALA F 5 17.21 5.47 -45.34
C ALA F 5 17.31 5.59 -43.80
N ASN F 6 16.37 6.27 -43.14
CA ASN F 6 16.41 6.48 -41.66
C ASN F 6 16.18 5.16 -40.91
N VAL F 7 15.51 4.16 -41.50
CA VAL F 7 15.13 2.89 -40.79
C VAL F 7 16.40 2.23 -40.22
N ASN F 8 17.49 2.13 -40.99
CA ASN F 8 18.73 1.43 -40.54
C ASN F 8 20.00 2.29 -40.65
N GLN F 9 19.88 3.60 -40.87
CA GLN F 9 21.06 4.52 -40.87
C GLN F 9 21.90 4.29 -39.60
N GLY F 10 23.19 3.98 -39.75
CA GLY F 10 24.18 3.86 -38.66
C GLY F 10 24.14 2.53 -37.95
N LEU F 11 23.25 1.61 -38.36
CA LEU F 11 23.17 0.25 -37.79
C LEU F 11 23.92 -0.70 -38.71
N GLN F 12 24.64 -1.66 -38.13
CA GLN F 12 25.26 -2.79 -38.87
C GLN F 12 24.72 -4.10 -38.27
N GLY F 13 24.81 -5.20 -39.05
CA GLY F 13 24.60 -6.57 -38.55
C GLY F 13 23.14 -6.87 -38.32
N THR F 14 22.81 -7.61 -37.26
CA THR F 14 21.44 -8.11 -37.00
C THR F 14 20.54 -6.93 -36.59
N ALA F 15 21.11 -5.90 -35.95
CA ALA F 15 20.36 -4.68 -35.53
C ALA F 15 19.62 -4.09 -36.73
N ARG F 16 20.29 -4.09 -37.88
CA ARG F 16 19.79 -3.54 -39.15
C ARG F 16 18.52 -4.30 -39.55
N ASP F 17 18.60 -5.62 -39.66
CA ASP F 17 17.45 -6.48 -40.05
C ASP F 17 16.29 -6.26 -39.06
N ILE F 18 16.60 -6.14 -37.76
CA ILE F 18 15.57 -6.06 -36.69
C ILE F 18 14.85 -4.71 -36.78
N LEU F 19 15.56 -3.59 -36.93
CA LEU F 19 14.91 -2.26 -37.04
C LEU F 19 14.08 -2.20 -38.33
N THR F 20 14.62 -2.74 -39.42
CA THR F 20 13.91 -2.91 -40.71
C THR F 20 12.63 -3.73 -40.51
N THR F 21 12.71 -4.86 -39.82
CA THR F 21 11.50 -5.73 -39.58
C THR F 21 10.55 -4.97 -38.65
N TYR F 22 11.08 -4.21 -37.67
CA TYR F 22 10.20 -3.39 -36.78
C TYR F 22 9.41 -2.39 -37.64
N TRP F 23 10.05 -1.70 -38.60
CA TRP F 23 9.35 -0.70 -39.45
C TRP F 23 8.31 -1.39 -40.34
N GLN F 24 8.64 -2.54 -40.94
CA GLN F 24 7.67 -3.36 -41.72
C GLN F 24 6.44 -3.64 -40.84
N HIS F 25 6.66 -4.02 -39.59
CA HIS F 25 5.58 -4.33 -38.62
C HIS F 25 4.79 -3.06 -38.33
N VAL F 26 5.46 -1.91 -38.17
CA VAL F 26 4.78 -0.60 -37.97
C VAL F 26 3.90 -0.29 -39.19
N ILE F 27 4.43 -0.48 -40.41
CA ILE F 27 3.72 -0.10 -41.68
C ILE F 27 2.49 -1.00 -41.87
N ASN F 28 2.64 -2.32 -41.75
CA ASN F 28 1.47 -3.26 -41.83
C ASN F 28 0.40 -2.80 -40.84
N HIS F 29 0.78 -2.40 -39.63
CA HIS F 29 -0.17 -1.97 -38.58
C HIS F 29 -0.90 -0.72 -39.08
N LEU F 30 -0.18 0.25 -39.63
CA LEU F 30 -0.79 1.51 -40.11
C LEU F 30 -1.63 1.24 -41.36
N GLU F 31 -1.30 0.19 -42.12
CA GLU F 31 -2.04 -0.22 -43.35
C GLU F 31 -3.32 -0.98 -43.00
N SER F 32 -3.49 -1.45 -41.76
CA SER F 32 -4.70 -2.16 -41.28
C SER F 32 -5.93 -1.23 -41.41
N ASP F 33 -7.12 -1.82 -41.49
CA ASP F 33 -8.39 -1.13 -41.89
C ASP F 33 -9.17 -0.65 -40.65
N ASN F 34 -9.03 -1.31 -39.49
CA ASN F 34 -9.83 -1.03 -38.27
C ASN F 34 -8.97 -0.34 -37.20
N HIS F 35 -8.73 0.97 -37.34
CA HIS F 35 -8.03 1.78 -36.31
C HIS F 35 -9.03 2.30 -35.28
N ASP F 36 -8.68 2.19 -33.99
CA ASP F 36 -9.42 2.83 -32.87
C ASP F 36 -8.73 4.16 -32.57
N TYR F 37 -9.33 5.28 -33.01
CA TYR F 37 -8.72 6.63 -32.98
C TYR F 37 -9.04 7.37 -31.67
N LYS F 38 -9.46 6.68 -30.61
CA LYS F 38 -9.68 7.27 -29.27
C LYS F 38 -8.66 6.68 -28.29
N ILE F 39 -7.40 7.12 -28.42
CA ILE F 39 -6.31 6.98 -27.42
C ILE F 39 -6.64 7.93 -26.27
N HIS F 40 -6.14 7.65 -25.05
CA HIS F 40 -6.66 8.25 -23.79
C HIS F 40 -6.66 9.79 -23.87
N GLN F 41 -7.79 10.39 -23.50
CA GLN F 41 -8.05 11.86 -23.57
C GLN F 41 -7.00 12.64 -22.77
N LEU F 42 -6.43 12.03 -21.73
CA LEU F 42 -5.35 12.61 -20.87
C LEU F 42 -4.05 12.74 -21.68
N LEU F 43 -3.67 11.71 -22.46
CA LEU F 43 -2.44 11.73 -23.29
C LEU F 43 -2.58 12.79 -24.41
N LEU F 44 -3.73 12.83 -25.09
CA LEU F 44 -4.00 13.77 -26.22
C LEU F 44 -4.10 15.20 -25.70
N ALA F 45 -4.64 15.39 -24.49
CA ALA F 45 -4.68 16.70 -23.79
C ALA F 45 -3.25 17.20 -23.57
N ARG F 46 -2.35 16.28 -23.23
CA ARG F 46 -0.96 16.60 -22.79
C ARG F 46 -0.08 16.83 -24.02
N ILE F 47 -0.32 16.08 -25.11
CA ILE F 47 0.36 16.25 -26.41
C ILE F 47 0.11 17.69 -26.88
N LYS F 48 -1.17 18.10 -26.85
CA LYS F 48 -1.69 19.43 -27.25
C LYS F 48 -1.02 20.51 -26.38
N LYS F 49 -0.84 20.27 -25.08
CA LYS F 49 -0.21 21.26 -24.16
C LYS F 49 1.27 21.44 -24.51
N VAL F 50 1.95 20.40 -25.04
CA VAL F 50 3.35 20.48 -25.55
C VAL F 50 3.36 21.39 -26.79
N MET F 51 2.48 21.11 -27.75
CA MET F 51 2.31 21.89 -29.00
C MET F 51 2.01 23.37 -28.65
N LYS F 52 1.15 23.61 -27.66
CA LYS F 52 0.65 24.98 -27.32
C LYS F 52 1.66 25.74 -26.46
N ALA F 53 2.72 25.11 -25.96
CA ALA F 53 3.82 25.79 -25.24
C ALA F 53 4.58 26.73 -26.20
N ASP F 54 4.53 26.46 -27.51
CA ASP F 54 5.11 27.32 -28.57
C ASP F 54 4.16 28.49 -28.83
N PRO F 55 4.51 29.76 -28.48
CA PRO F 55 3.62 30.91 -28.69
C PRO F 55 3.09 31.07 -30.13
N GLU F 56 3.90 30.68 -31.12
CA GLU F 56 3.57 30.75 -32.57
C GLU F 56 2.34 29.91 -32.90
N VAL F 57 2.07 28.83 -32.16
CA VAL F 57 0.93 27.91 -32.40
C VAL F 57 -0.34 28.61 -31.91
N LYS F 58 -1.41 28.55 -32.71
CA LYS F 58 -2.74 29.11 -32.37
C LYS F 58 -3.73 27.96 -32.19
N MET F 59 -4.34 27.50 -33.29
CA MET F 59 -5.37 26.42 -33.29
C MET F 59 -4.74 25.12 -33.83
N ILE F 60 -5.10 23.99 -33.23
CA ILE F 60 -4.56 22.64 -33.58
C ILE F 60 -5.73 21.78 -34.02
N SER F 61 -5.65 21.22 -35.23
CA SER F 61 -6.58 20.19 -35.77
C SER F 61 -6.55 18.95 -34.87
N ALA F 62 -7.69 18.29 -34.67
CA ALA F 62 -7.82 17.02 -33.91
C ALA F 62 -6.88 15.96 -34.53
N GLU F 63 -6.65 16.05 -35.84
CA GLU F 63 -5.79 15.14 -36.64
C GLU F 63 -4.36 15.13 -36.11
N ALA F 64 -3.86 16.27 -35.63
CA ALA F 64 -2.43 16.50 -35.36
C ALA F 64 -1.98 15.73 -34.11
N PRO F 65 -2.63 15.87 -32.93
CA PRO F 65 -2.25 15.08 -31.76
C PRO F 65 -2.32 13.57 -32.03
N ILE F 66 -3.23 13.13 -32.88
CA ILE F 66 -3.45 11.69 -33.17
C ILE F 66 -2.27 11.19 -34.02
N LEU F 67 -1.75 12.01 -34.92
CA LEU F 67 -0.52 11.66 -35.68
C LEU F 67 0.68 11.52 -34.72
N PHE F 68 0.82 12.45 -33.77
CA PHE F 68 1.95 12.47 -32.81
C PHE F 68 1.87 11.29 -31.84
N ALA F 69 0.67 10.91 -31.38
CA ALA F 69 0.48 9.71 -30.53
C ALA F 69 1.14 8.52 -31.24
N LYS F 70 0.77 8.22 -32.49
CA LYS F 70 1.38 7.08 -33.23
C LYS F 70 2.87 7.33 -33.43
N GLY F 71 3.24 8.55 -33.81
CA GLY F 71 4.63 8.90 -34.15
C GLY F 71 5.56 8.76 -32.97
N CYS F 72 5.11 9.29 -31.82
CA CYS F 72 5.85 9.21 -30.52
C CYS F 72 6.00 7.76 -30.07
N ASP F 73 5.01 6.88 -30.27
CA ASP F 73 5.17 5.44 -29.95
C ASP F 73 6.29 4.83 -30.78
N VAL F 74 6.34 5.12 -32.08
CA VAL F 74 7.37 4.58 -33.00
C VAL F 74 8.74 5.14 -32.60
N PHE F 75 8.82 6.45 -32.38
CA PHE F 75 10.09 7.14 -32.03
C PHE F 75 10.69 6.54 -30.78
N ILE F 76 9.90 6.44 -29.71
CA ILE F 76 10.37 5.86 -28.41
C ILE F 76 10.81 4.43 -28.68
N THR F 77 10.02 3.65 -29.40
CA THR F 77 10.31 2.20 -29.61
C THR F 77 11.65 2.10 -30.33
N GLU F 78 11.81 2.81 -31.46
CA GLU F 78 13.00 2.65 -32.34
C GLU F 78 14.23 3.20 -31.62
N LEU F 79 14.13 4.28 -30.86
CA LEU F 79 15.31 4.84 -30.14
C LEU F 79 15.66 3.90 -28.97
N THR F 80 14.66 3.39 -28.25
CA THR F 80 14.91 2.38 -27.18
C THR F 80 15.62 1.15 -27.77
N MET F 81 15.11 0.57 -28.85
CA MET F 81 15.78 -0.56 -29.56
C MET F 81 17.20 -0.19 -30.01
N ARG F 82 17.40 1.02 -30.57
CA ARG F 82 18.76 1.46 -30.99
C ARG F 82 19.63 1.55 -29.73
N ALA F 83 19.09 2.03 -28.61
CA ALA F 83 19.85 2.27 -27.36
C ALA F 83 20.19 0.94 -26.69
N TRP F 84 19.29 -0.02 -26.76
CA TRP F 84 19.50 -1.38 -26.20
C TRP F 84 20.76 -2.02 -26.77
N ILE F 85 21.04 -1.84 -28.07
CA ILE F 85 22.27 -2.38 -28.73
C ILE F 85 23.48 -2.08 -27.85
N HIS F 86 23.61 -0.84 -27.36
CA HIS F 86 24.80 -0.35 -26.60
C HIS F 86 24.85 -0.99 -25.21
N ALA F 87 23.70 -1.29 -24.60
CA ALA F 87 23.62 -2.01 -23.30
C ALA F 87 24.03 -3.48 -23.50
N GLU F 88 23.63 -4.12 -24.61
CA GLU F 88 23.95 -5.54 -24.93
C GLU F 88 25.44 -5.71 -25.18
N ASP F 89 26.08 -4.72 -25.83
CA ASP F 89 27.54 -4.71 -26.13
C ASP F 89 28.36 -4.61 -24.83
N ASN F 90 27.87 -3.93 -23.79
CA ASN F 90 28.56 -3.76 -22.48
C ASN F 90 28.09 -4.85 -21.50
N LYS F 91 27.34 -5.85 -21.97
CA LYS F 91 26.87 -7.01 -21.17
C LYS F 91 26.11 -6.50 -19.95
N ARG F 92 25.19 -5.55 -20.17
CA ARG F 92 24.32 -4.92 -19.15
C ARG F 92 22.87 -5.30 -19.47
N ARG F 93 22.02 -5.44 -18.45
CA ARG F 93 20.55 -5.65 -18.62
C ARG F 93 19.76 -4.38 -18.25
N THR F 94 20.44 -3.31 -17.80
CA THR F 94 19.82 -2.02 -17.42
C THR F 94 20.17 -0.96 -18.46
N LEU F 95 19.18 -0.38 -19.13
CA LEU F 95 19.39 0.72 -20.11
C LEU F 95 19.76 1.99 -19.36
N GLN F 96 20.86 2.64 -19.74
CA GLN F 96 21.39 3.88 -19.09
C GLN F 96 21.29 5.04 -20.08
N ARG F 97 21.48 6.27 -19.59
CA ARG F 97 21.39 7.50 -20.42
C ARG F 97 22.47 7.44 -21.51
N SER F 98 23.65 6.91 -21.19
CA SER F 98 24.80 6.85 -22.12
C SER F 98 24.47 5.94 -23.31
N ASP F 99 23.52 5.01 -23.15
CA ASP F 99 23.04 4.12 -24.26
C ASP F 99 22.15 4.92 -25.20
N ILE F 100 21.30 5.81 -24.68
CA ILE F 100 20.49 6.73 -25.53
C ILE F 100 21.47 7.69 -26.26
N ALA F 101 22.46 8.25 -25.58
CA ALA F 101 23.44 9.21 -26.17
C ALA F 101 24.17 8.53 -27.32
N ALA F 102 24.75 7.35 -27.08
CA ALA F 102 25.47 6.56 -28.09
C ALA F 102 24.55 6.33 -29.28
N ALA F 103 23.29 5.95 -29.07
CA ALA F 103 22.34 5.65 -30.16
C ALA F 103 22.12 6.90 -31.01
N LEU F 104 21.90 8.05 -30.39
CA LEU F 104 21.65 9.35 -31.09
C LEU F 104 22.82 9.66 -32.05
N SER F 105 24.05 9.30 -31.69
CA SER F 105 25.25 9.68 -32.46
C SER F 105 25.44 8.81 -33.72
N LYS F 106 24.58 7.82 -33.99
CA LYS F 106 24.77 6.92 -35.16
C LYS F 106 24.02 7.44 -36.39
N SER F 107 23.07 8.34 -36.22
CA SER F 107 22.21 8.84 -37.33
C SER F 107 21.95 10.34 -37.16
N ASP F 108 22.07 11.10 -38.24
CA ASP F 108 21.90 12.58 -38.23
C ASP F 108 20.40 12.91 -38.24
N MET F 109 19.53 11.93 -38.42
CA MET F 109 18.08 12.11 -38.10
C MET F 109 17.93 12.67 -36.66
N PHE F 110 18.82 12.28 -35.74
CA PHE F 110 18.75 12.65 -34.30
C PHE F 110 19.48 13.97 -34.02
N ASP F 111 19.93 14.70 -35.04
CA ASP F 111 20.75 15.93 -34.85
C ASP F 111 19.92 16.97 -34.09
N PHE F 112 18.60 17.00 -34.27
CA PHE F 112 17.70 17.95 -33.55
C PHE F 112 17.82 17.81 -32.02
N LEU F 113 18.39 16.71 -31.50
CA LEU F 113 18.48 16.45 -30.03
C LEU F 113 19.88 16.75 -29.46
N ILE F 114 20.76 17.41 -30.20
CA ILE F 114 22.15 17.64 -29.71
C ILE F 114 22.14 18.54 -28.46
N ASP F 115 21.20 19.47 -28.27
CA ASP F 115 21.15 20.27 -27.02
C ASP F 115 20.42 19.50 -25.92
N ILE F 116 19.49 18.62 -26.27
CA ILE F 116 18.69 17.85 -25.27
C ILE F 116 19.59 16.78 -24.65
N VAL F 117 20.48 16.17 -25.42
CA VAL F 117 21.42 15.12 -24.94
C VAL F 117 22.84 15.50 -25.34
N PRO F 118 23.51 16.45 -24.64
CA PRO F 118 24.84 16.91 -25.05
C PRO F 118 25.92 15.86 -24.75
N GLU G 2 25.06 -36.34 19.21
CA GLU G 2 24.23 -35.87 18.07
C GLU G 2 22.83 -35.45 18.59
N SER G 3 22.08 -36.36 19.23
CA SER G 3 20.81 -36.03 19.95
C SER G 3 20.87 -36.59 21.38
N PRO G 4 20.90 -35.71 22.40
CA PRO G 4 21.07 -36.13 23.79
C PRO G 4 19.74 -36.49 24.46
N LEU G 5 19.79 -37.26 25.55
CA LEU G 5 18.59 -37.67 26.31
C LEU G 5 18.15 -36.51 27.20
N TYR G 6 19.08 -35.91 27.95
CA TYR G 6 18.79 -34.76 28.85
C TYR G 6 19.23 -33.47 28.15
N VAL G 7 18.39 -32.43 28.20
CA VAL G 7 18.73 -31.04 27.79
C VAL G 7 18.40 -30.10 28.96
N ASN G 8 18.77 -28.82 28.82
CA ASN G 8 18.46 -27.75 29.81
C ASN G 8 17.14 -28.09 30.51
N ALA G 9 17.18 -28.31 31.83
CA ALA G 9 16.03 -28.80 32.63
C ALA G 9 14.94 -27.72 32.67
N LYS G 10 15.33 -26.45 32.55
CA LYS G 10 14.33 -25.33 32.58
C LYS G 10 13.58 -25.28 31.24
N GLN G 11 14.10 -25.91 30.19
CA GLN G 11 13.62 -25.72 28.80
C GLN G 11 12.95 -26.98 28.25
N PHE G 12 13.28 -28.16 28.78
CA PHE G 12 12.96 -29.50 28.21
C PHE G 12 11.47 -29.65 27.89
N HIS G 13 10.58 -29.31 28.82
CA HIS G 13 9.11 -29.48 28.66
C HIS G 13 8.59 -28.57 27.56
N ARG G 14 8.93 -27.28 27.60
CA ARG G 14 8.50 -26.27 26.58
C ARG G 14 8.98 -26.73 25.19
N ILE G 15 10.16 -27.36 25.11
CA ILE G 15 10.72 -27.97 23.86
C ILE G 15 9.76 -29.07 23.36
N LEU G 16 9.38 -30.02 24.22
CA LEU G 16 8.45 -31.11 23.83
C LEU G 16 7.14 -30.51 23.30
N LYS G 17 6.59 -29.50 23.99
CA LYS G 17 5.33 -28.81 23.60
C LYS G 17 5.50 -28.06 22.28
N ARG G 18 6.67 -27.43 22.05
CA ARG G 18 6.90 -26.67 20.79
C ARG G 18 7.03 -27.69 19.64
N ARG G 19 7.53 -28.89 19.90
CA ARG G 19 7.61 -29.95 18.86
C ARG G 19 6.19 -30.32 18.39
N VAL G 20 5.23 -30.32 19.32
CA VAL G 20 3.81 -30.69 19.08
C VAL G 20 3.15 -29.52 18.34
N ALA G 21 3.33 -28.31 18.85
CA ALA G 21 2.73 -27.08 18.29
C ALA G 21 3.27 -26.89 16.88
N ARG G 22 4.52 -27.28 16.64
CA ARG G 22 5.20 -27.10 15.33
C ARG G 22 4.65 -28.12 14.32
N GLN G 23 4.41 -29.35 14.76
CA GLN G 23 3.84 -30.45 13.94
C GLN G 23 2.45 -30.02 13.45
N LYS G 24 1.63 -29.43 14.33
CA LYS G 24 0.23 -28.99 14.02
C LYS G 24 0.21 -27.82 13.04
N LEU G 25 1.24 -26.95 13.03
CA LEU G 25 1.39 -25.86 12.02
C LEU G 25 1.63 -26.46 10.63
N GLU G 26 2.49 -27.49 10.57
CA GLU G 26 2.81 -28.22 9.32
C GLU G 26 1.58 -28.99 8.84
N GLU G 27 0.76 -29.52 9.75
CA GLU G 27 -0.43 -30.28 9.33
C GLU G 27 -1.33 -29.34 8.53
N GLN G 28 -1.56 -28.14 9.04
CA GLN G 28 -2.42 -27.14 8.36
C GLN G 28 -1.78 -26.62 7.07
N LEU G 29 -0.49 -26.32 7.09
CA LEU G 29 0.15 -25.75 5.88
C LEU G 29 0.08 -26.72 4.70
N ARG G 30 0.35 -27.99 4.94
CA ARG G 30 0.33 -28.98 3.81
C ARG G 30 -1.13 -29.27 3.38
N LEU G 31 -2.06 -29.31 4.34
CA LEU G 31 -3.53 -29.40 4.10
C LEU G 31 -3.98 -28.23 3.20
N THR G 32 -3.69 -26.99 3.61
CA THR G 32 -4.12 -25.73 2.94
C THR G 32 -2.92 -25.09 2.21
N GLN H 4 4.98 -17.65 6.01
CA GLN H 4 5.98 -16.57 6.32
C GLN H 4 5.75 -16.01 7.73
N ASP H 5 4.50 -15.98 8.21
CA ASP H 5 4.09 -15.38 9.51
C ASP H 5 4.82 -16.05 10.69
N ARG H 6 5.45 -17.22 10.49
CA ARG H 6 6.30 -17.90 11.49
C ARG H 6 7.59 -17.10 11.73
N TRP H 7 8.12 -16.40 10.72
CA TRP H 7 9.48 -15.81 10.77
C TRP H 7 9.43 -14.29 10.77
N LEU H 8 10.25 -13.66 11.61
CA LEU H 8 10.62 -12.23 11.52
C LEU H 8 11.19 -11.98 10.14
N PRO H 9 11.02 -10.76 9.58
CA PRO H 9 11.55 -10.44 8.26
C PRO H 9 13.08 -10.43 8.29
N ILE H 10 13.69 -10.99 7.24
CA ILE H 10 15.15 -11.29 7.14
C ILE H 10 16.00 -10.02 7.06
N ALA H 11 15.54 -8.96 6.41
CA ALA H 11 16.31 -7.72 6.17
C ALA H 11 16.71 -7.07 7.51
N ASN H 12 15.75 -6.88 8.41
CA ASN H 12 15.99 -6.40 9.81
C ASN H 12 17.00 -7.32 10.53
N VAL H 13 16.88 -8.64 10.39
CA VAL H 13 17.77 -9.63 11.05
C VAL H 13 19.21 -9.42 10.55
N ALA H 14 19.40 -9.28 9.23
CA ALA H 14 20.69 -9.09 8.52
C ALA H 14 21.37 -7.78 8.92
N ARG H 15 20.57 -6.74 9.18
CA ARG H 15 21.05 -5.41 9.62
C ARG H 15 21.66 -5.58 11.02
N ILE H 16 20.95 -6.23 11.95
CA ILE H 16 21.45 -6.38 13.36
C ILE H 16 22.76 -7.20 13.35
N MET H 17 22.81 -8.29 12.57
CA MET H 17 24.00 -9.16 12.41
C MET H 17 25.17 -8.35 11.86
N LYS H 18 24.96 -7.51 10.84
CA LYS H 18 26.03 -6.68 10.26
C LYS H 18 26.65 -5.79 11.35
N LEU H 19 25.82 -5.13 12.16
CA LEU H 19 26.29 -4.28 13.29
C LEU H 19 27.02 -5.14 14.33
N ALA H 20 26.69 -6.43 14.46
CA ALA H 20 27.35 -7.33 15.45
C ALA H 20 28.80 -7.59 15.04
N LEU H 21 29.11 -7.48 13.74
CA LEU H 21 30.37 -7.97 13.13
C LEU H 21 31.29 -6.79 12.78
N PRO H 22 32.61 -7.03 12.64
CA PRO H 22 33.51 -6.01 12.10
C PRO H 22 33.11 -5.61 10.67
N GLU H 23 33.53 -4.41 10.27
CA GLU H 23 33.23 -3.77 8.96
C GLU H 23 33.54 -4.73 7.81
N ASN H 24 34.66 -5.43 7.87
CA ASN H 24 35.19 -6.27 6.75
C ASN H 24 34.27 -7.49 6.52
N ALA H 25 33.54 -7.94 7.56
CA ALA H 25 32.87 -9.26 7.64
C ALA H 25 31.76 -9.37 6.59
N LYS H 26 31.67 -10.53 5.92
CA LYS H 26 30.51 -10.91 5.08
C LYS H 26 29.69 -11.92 5.85
N ILE H 27 28.41 -12.05 5.50
CA ILE H 27 27.47 -13.05 6.07
C ILE H 27 26.89 -13.88 4.92
N ALA H 28 27.12 -15.19 4.92
CA ALA H 28 26.50 -16.15 3.98
C ALA H 28 24.99 -15.99 4.03
N LYS H 29 24.31 -16.10 2.89
CA LYS H 29 22.83 -16.12 2.80
C LYS H 29 22.29 -17.16 3.80
N GLU H 30 22.86 -18.35 3.82
CA GLU H 30 22.49 -19.46 4.75
C GLU H 30 22.54 -18.98 6.20
N ALA H 31 23.61 -18.30 6.60
CA ALA H 31 23.81 -17.77 7.97
C ALA H 31 22.66 -16.84 8.37
N LYS H 32 22.19 -15.97 7.46
CA LYS H 32 21.08 -15.01 7.70
C LYS H 32 19.77 -15.75 7.90
N GLU H 33 19.53 -16.75 7.06
CA GLU H 33 18.31 -17.60 7.09
C GLU H 33 18.27 -18.33 8.43
N CYS H 34 19.39 -18.91 8.83
CA CYS H 34 19.53 -19.64 10.12
C CYS H 34 19.16 -18.69 11.26
N MET H 35 19.84 -17.55 11.32
CA MET H 35 19.66 -16.57 12.42
C MET H 35 18.18 -16.19 12.49
N GLN H 36 17.55 -15.97 11.34
CA GLN H 36 16.10 -15.64 11.21
C GLN H 36 15.25 -16.70 11.93
N GLU H 37 15.51 -17.98 11.64
CA GLU H 37 14.76 -19.14 12.21
C GLU H 37 14.99 -19.19 13.72
N CYS H 38 16.21 -18.91 14.14
CA CYS H 38 16.64 -18.95 15.57
C CYS H 38 15.89 -17.90 16.40
N VAL H 39 15.88 -16.65 15.91
CA VAL H 39 15.27 -15.50 16.64
C VAL H 39 13.76 -15.69 16.59
N SER H 40 13.23 -16.28 15.52
CA SER H 40 11.77 -16.52 15.39
C SER H 40 11.33 -17.61 16.38
N GLU H 41 12.09 -18.69 16.51
CA GLU H 41 11.83 -19.72 17.56
C GLU H 41 11.97 -19.10 18.97
N PHE H 42 12.94 -18.21 19.18
CA PHE H 42 13.14 -17.48 20.47
C PHE H 42 11.83 -16.82 20.89
N ILE H 43 11.15 -16.14 19.98
CA ILE H 43 9.83 -15.47 20.22
C ILE H 43 8.74 -16.53 20.53
N SER H 44 8.52 -17.44 19.58
CA SER H 44 7.51 -18.53 19.67
C SER H 44 7.69 -19.30 20.98
N PHE H 45 8.93 -19.63 21.33
CA PHE H 45 9.32 -20.46 22.50
C PHE H 45 8.85 -19.75 23.79
N ILE H 46 9.31 -18.53 23.99
CA ILE H 46 9.00 -17.73 25.21
C ILE H 46 7.49 -17.46 25.23
N THR H 47 6.91 -17.14 24.08
CA THR H 47 5.48 -16.76 23.97
C THR H 47 4.59 -17.97 24.32
N SER H 48 4.99 -19.19 23.96
CA SER H 48 4.21 -20.42 24.27
C SER H 48 4.14 -20.61 25.78
N GLU H 49 5.25 -20.42 26.50
CA GLU H 49 5.33 -20.48 27.97
C GLU H 49 4.39 -19.45 28.60
N ALA H 50 4.54 -18.19 28.19
CA ALA H 50 3.80 -17.02 28.73
C ALA H 50 2.30 -17.26 28.54
N SER H 51 1.93 -17.76 27.36
CA SER H 51 0.55 -18.01 26.90
C SER H 51 -0.13 -19.09 27.75
N GLU H 52 0.60 -20.13 28.14
CA GLU H 52 0.04 -21.27 28.92
C GLU H 52 -0.32 -20.77 30.32
N LYS H 53 0.55 -19.95 30.91
CA LYS H 53 0.36 -19.39 32.28
C LYS H 53 -0.85 -18.46 32.29
N CYS H 54 -1.09 -17.72 31.21
CA CYS H 54 -2.26 -16.81 31.05
C CYS H 54 -3.57 -17.61 31.03
N GLN H 55 -3.64 -18.62 30.16
CA GLN H 55 -4.79 -19.54 29.97
C GLN H 55 -5.17 -20.20 31.30
N GLN H 56 -4.20 -20.56 32.13
CA GLN H 56 -4.40 -21.32 33.39
C GLN H 56 -4.77 -20.37 34.54
N GLU H 57 -4.55 -19.07 34.39
CA GLU H 57 -4.92 -18.02 35.37
C GLU H 57 -6.14 -17.22 34.87
N LYS H 58 -6.74 -17.66 33.75
CA LYS H 58 -8.00 -17.10 33.17
C LYS H 58 -7.83 -15.62 32.81
N ARG H 59 -6.66 -15.25 32.27
CA ARG H 59 -6.42 -13.93 31.60
C ARG H 59 -6.29 -14.18 30.10
N LYS H 60 -6.78 -13.27 29.25
CA LYS H 60 -6.71 -13.44 27.78
C LYS H 60 -5.51 -12.67 27.24
N THR H 61 -5.04 -11.64 27.95
CA THR H 61 -3.99 -10.68 27.50
C THR H 61 -2.62 -11.16 27.99
N VAL H 62 -1.71 -11.47 27.05
CA VAL H 62 -0.26 -11.68 27.32
C VAL H 62 0.41 -10.31 27.45
N ASN H 63 0.90 -10.00 28.65
CA ASN H 63 1.46 -8.67 29.01
C ASN H 63 2.98 -8.81 29.24
N GLY H 64 3.65 -7.69 29.47
CA GLY H 64 5.11 -7.61 29.65
C GLY H 64 5.62 -8.53 30.74
N GLU H 65 4.97 -8.52 31.90
CA GLU H 65 5.36 -9.35 33.09
C GLU H 65 5.30 -10.84 32.72
N ASP H 66 4.33 -11.25 31.90
CA ASP H 66 4.18 -12.67 31.44
C ASP H 66 5.38 -13.08 30.59
N ILE H 67 5.89 -12.17 29.75
CA ILE H 67 7.10 -12.41 28.91
C ILE H 67 8.33 -12.49 29.82
N LEU H 68 8.48 -11.55 30.75
CA LEU H 68 9.64 -11.54 31.68
C LEU H 68 9.60 -12.77 32.58
N PHE H 69 8.43 -13.13 33.13
CA PHE H 69 8.28 -14.34 33.97
C PHE H 69 8.66 -15.58 33.16
N ALA H 70 8.24 -15.65 31.89
CA ALA H 70 8.52 -16.81 31.01
C ALA H 70 10.04 -16.88 30.73
N MET H 71 10.69 -15.74 30.48
CA MET H 71 12.16 -15.71 30.25
C MET H 71 12.88 -16.29 31.47
N THR H 72 12.46 -15.91 32.67
CA THR H 72 13.03 -16.45 33.94
C THR H 72 12.82 -17.98 33.96
N SER H 73 11.58 -18.44 33.75
CA SER H 73 11.20 -19.89 33.82
C SER H 73 12.10 -20.70 32.87
N LEU H 74 12.30 -20.21 31.66
CA LEU H 74 12.96 -20.96 30.55
C LEU H 74 14.48 -20.82 30.60
N GLY H 75 15.02 -20.14 31.62
CA GLY H 75 16.47 -19.98 31.81
C GLY H 75 17.04 -18.90 30.93
N PHE H 76 16.29 -17.81 30.70
CA PHE H 76 16.82 -16.55 30.09
C PHE H 76 16.78 -15.46 31.16
N GLU H 77 17.42 -15.70 32.30
CA GLU H 77 17.36 -14.83 33.51
C GLU H 77 18.04 -13.48 33.22
N ASN H 78 19.15 -13.48 32.48
CA ASN H 78 19.92 -12.26 32.09
C ASN H 78 19.00 -11.35 31.25
N TYR H 79 18.24 -11.94 30.32
CA TYR H 79 17.24 -11.24 29.45
C TYR H 79 16.10 -10.67 30.30
N ALA H 80 15.55 -11.48 31.21
CA ALA H 80 14.45 -11.09 32.13
C ALA H 80 14.85 -9.89 33.01
N GLU H 81 16.03 -9.93 33.64
CA GLU H 81 16.48 -8.85 34.57
C GLU H 81 16.81 -7.60 33.75
N ALA H 82 17.59 -7.70 32.66
CA ALA H 82 17.98 -6.54 31.81
C ALA H 82 16.74 -5.80 31.30
N LEU H 83 15.69 -6.55 30.91
CA LEU H 83 14.49 -6.03 30.22
C LEU H 83 13.46 -5.54 31.24
N LYS H 84 13.54 -5.99 32.49
CA LYS H 84 12.69 -5.50 33.60
C LYS H 84 12.87 -3.98 33.76
N ILE H 85 14.13 -3.54 33.75
CA ILE H 85 14.53 -2.11 33.87
C ILE H 85 13.85 -1.31 32.76
N TYR H 86 13.97 -1.79 31.53
CA TYR H 86 13.33 -1.25 30.30
C TYR H 86 11.82 -1.15 30.48
N LEU H 87 11.17 -2.19 31.03
CA LEU H 87 9.68 -2.28 31.18
C LEU H 87 9.19 -1.28 32.24
N SER H 88 9.90 -1.12 33.36
CA SER H 88 9.47 -0.23 34.49
C SER H 88 9.39 1.22 34.02
N LYS H 89 10.18 1.61 33.00
CA LYS H 89 10.18 2.98 32.43
C LYS H 89 8.98 3.17 31.49
N TYR H 90 8.53 2.11 30.81
CA TYR H 90 7.28 2.06 29.99
C TYR H 90 6.06 2.21 30.91
N GLY I 2 24.71 -15.65 39.61
CA GLY I 2 24.00 -16.78 38.92
C GLY I 2 23.10 -16.30 37.79
N THR I 3 22.49 -15.12 37.94
CA THR I 3 21.49 -14.56 37.00
C THR I 3 22.20 -13.86 35.82
N TRP I 4 23.53 -13.75 35.83
CA TRP I 4 24.36 -13.32 34.68
C TRP I 4 25.19 -14.49 34.12
N ALA I 5 24.98 -15.72 34.59
CA ALA I 5 25.75 -16.93 34.18
C ALA I 5 25.76 -17.06 32.65
N ASN I 6 24.60 -16.92 32.00
CA ASN I 6 24.43 -17.02 30.53
C ASN I 6 25.33 -16.01 29.78
N VAL I 7 25.76 -14.90 30.40
CA VAL I 7 26.50 -13.83 29.66
C VAL I 7 27.74 -14.45 28.98
N ASN I 8 28.51 -15.30 29.67
CA ASN I 8 29.78 -15.89 29.17
C ASN I 8 29.82 -17.43 29.27
N GLN I 9 28.75 -18.10 29.70
CA GLN I 9 28.66 -19.59 29.70
C GLN I 9 29.25 -20.16 28.41
N GLY I 10 30.33 -20.94 28.49
CA GLY I 10 30.93 -21.70 27.37
C GLY I 10 32.05 -20.96 26.66
N LEU I 11 32.25 -19.67 26.96
CA LEU I 11 33.26 -18.86 26.23
C LEU I 11 34.60 -18.92 26.98
N GLN I 12 35.71 -18.79 26.24
CA GLN I 12 37.11 -18.87 26.75
C GLN I 12 37.86 -17.58 26.37
N GLY I 13 38.60 -17.03 27.32
CA GLY I 13 39.64 -16.00 27.11
C GLY I 13 39.08 -14.64 26.75
N THR I 14 39.43 -14.15 25.54
CA THR I 14 39.06 -12.80 25.03
C THR I 14 37.55 -12.74 24.84
N ALA I 15 36.95 -13.78 24.25
CA ALA I 15 35.49 -13.90 24.01
C ALA I 15 34.69 -13.65 25.29
N ARG I 16 35.13 -14.18 26.43
CA ARG I 16 34.41 -13.98 27.72
C ARG I 16 34.32 -12.48 28.03
N ASP I 17 35.45 -11.77 27.97
CA ASP I 17 35.58 -10.32 28.32
C ASP I 17 34.68 -9.48 27.42
N ILE I 18 34.69 -9.78 26.13
CA ILE I 18 33.95 -8.97 25.12
C ILE I 18 32.45 -9.22 25.31
N LEU I 19 32.01 -10.47 25.47
CA LEU I 19 30.55 -10.72 25.61
C LEU I 19 30.06 -10.09 26.91
N THR I 20 30.87 -10.18 27.98
CA THR I 20 30.60 -9.54 29.29
C THR I 20 30.51 -8.03 29.07
N THR I 21 31.47 -7.44 28.36
CA THR I 21 31.48 -5.97 28.09
C THR I 21 30.23 -5.62 27.27
N TYR I 22 29.88 -6.43 26.27
CA TYR I 22 28.68 -6.20 25.44
C TYR I 22 27.43 -6.17 26.33
N TRP I 23 27.31 -7.11 27.29
CA TRP I 23 26.19 -7.15 28.26
C TRP I 23 26.22 -5.95 29.21
N GLN I 24 27.38 -5.50 29.67
CA GLN I 24 27.47 -4.23 30.45
C GLN I 24 26.91 -3.07 29.60
N HIS I 25 27.27 -3.02 28.31
CA HIS I 25 26.78 -2.01 27.34
C HIS I 25 25.25 -2.08 27.20
N VAL I 26 24.70 -3.27 26.99
CA VAL I 26 23.23 -3.50 26.93
C VAL I 26 22.60 -2.96 28.22
N ILE I 27 23.09 -3.37 29.39
CA ILE I 27 22.45 -3.00 30.69
C ILE I 27 22.52 -1.48 30.87
N ASN I 28 23.68 -0.86 30.64
CA ASN I 28 23.84 0.63 30.67
C ASN I 28 22.75 1.25 29.79
N HIS I 29 22.56 0.73 28.57
CA HIS I 29 21.58 1.25 27.58
C HIS I 29 20.16 1.18 28.15
N LEU I 30 19.77 0.06 28.77
CA LEU I 30 18.37 -0.13 29.25
C LEU I 30 18.15 0.71 30.51
N GLU I 31 19.21 1.03 31.24
CA GLU I 31 19.17 1.84 32.49
C GLU I 31 19.02 3.33 32.16
N SER I 32 19.30 3.77 30.92
CA SER I 32 19.20 5.19 30.51
C SER I 32 17.74 5.66 30.64
N ASP I 33 17.53 6.98 30.78
CA ASP I 33 16.29 7.59 31.33
C ASP I 33 15.29 7.92 30.21
N ASN I 34 15.76 8.04 28.95
CA ASN I 34 14.94 8.56 27.82
C ASN I 34 14.84 7.50 26.71
N HIS I 35 13.88 6.58 26.83
CA HIS I 35 13.58 5.55 25.80
C HIS I 35 12.43 6.02 24.89
N ASP I 36 12.60 5.85 23.58
CA ASP I 36 11.59 6.11 22.52
C ASP I 36 10.43 5.12 22.65
N TYR I 37 10.75 3.84 22.85
CA TYR I 37 9.83 2.68 22.69
C TYR I 37 9.21 2.74 21.29
N LYS I 38 10.01 3.18 20.30
CA LYS I 38 9.57 3.32 18.89
C LYS I 38 9.84 2.00 18.17
N ILE I 39 8.80 1.39 17.61
CA ILE I 39 8.86 0.20 16.71
C ILE I 39 8.34 0.61 15.34
N HIS I 40 9.02 0.20 14.27
CA HIS I 40 8.50 0.36 12.89
C HIS I 40 7.19 -0.44 12.79
N GLN I 41 6.15 0.17 12.21
CA GLN I 41 4.82 -0.47 12.01
C GLN I 41 4.98 -1.91 11.49
N LEU I 42 5.91 -2.16 10.56
CA LEU I 42 5.99 -3.44 9.82
C LEU I 42 6.67 -4.51 10.68
N LEU I 43 7.63 -4.09 11.51
CA LEU I 43 8.28 -4.98 12.51
C LEU I 43 7.26 -5.33 13.60
N LEU I 44 6.54 -4.34 14.12
CA LEU I 44 5.48 -4.49 15.15
C LEU I 44 4.42 -5.51 14.69
N ALA I 45 3.93 -5.41 13.45
CA ALA I 45 2.89 -6.32 12.90
C ALA I 45 3.47 -7.73 12.71
N ARG I 46 4.79 -7.85 12.49
CA ARG I 46 5.47 -9.14 12.18
C ARG I 46 5.73 -9.91 13.47
N ILE I 47 6.02 -9.21 14.57
CA ILE I 47 6.26 -9.82 15.91
C ILE I 47 4.94 -10.39 16.43
N LYS I 48 3.90 -9.57 16.44
CA LYS I 48 2.50 -9.97 16.75
C LYS I 48 2.12 -11.21 15.94
N LYS I 49 2.51 -11.28 14.66
CA LYS I 49 2.08 -12.36 13.75
C LYS I 49 2.80 -13.66 14.14
N VAL I 50 4.06 -13.56 14.58
CA VAL I 50 4.84 -14.73 15.07
C VAL I 50 4.16 -15.23 16.35
N MET I 51 3.87 -14.33 17.29
CA MET I 51 3.21 -14.67 18.59
C MET I 51 1.85 -15.33 18.32
N LYS I 52 1.08 -14.76 17.38
CA LYS I 52 -0.33 -15.12 17.10
C LYS I 52 -0.41 -16.48 16.37
N ALA I 53 0.68 -16.93 15.73
CA ALA I 53 0.73 -18.22 15.00
C ALA I 53 0.43 -19.37 15.97
N ASP I 54 0.72 -19.15 17.25
CA ASP I 54 0.34 -20.04 18.37
C ASP I 54 -1.17 -19.88 18.64
N PRO I 55 -2.01 -20.92 18.44
CA PRO I 55 -3.45 -20.82 18.70
C PRO I 55 -3.81 -20.48 20.16
N GLU I 56 -2.97 -20.86 21.12
CA GLU I 56 -3.19 -20.65 22.58
C GLU I 56 -3.12 -19.16 22.93
N VAL I 57 -2.44 -18.34 22.11
CA VAL I 57 -2.33 -16.87 22.31
C VAL I 57 -3.61 -16.21 21.82
N LYS I 58 -4.31 -15.49 22.70
CA LYS I 58 -5.54 -14.74 22.36
C LYS I 58 -5.17 -13.28 22.14
N MET I 59 -5.12 -12.46 23.18
CA MET I 59 -4.84 -10.99 23.08
C MET I 59 -3.43 -10.69 23.58
N ILE I 60 -2.72 -9.80 22.90
CA ILE I 60 -1.32 -9.41 23.20
C ILE I 60 -1.33 -7.93 23.63
N SER I 61 -0.73 -7.62 24.79
CA SER I 61 -0.48 -6.24 25.27
C SER I 61 0.46 -5.51 24.31
N ALA I 62 0.39 -4.19 24.26
CA ALA I 62 1.22 -3.35 23.36
C ALA I 62 2.69 -3.42 23.80
N GLU I 63 2.94 -3.64 25.10
CA GLU I 63 4.30 -3.68 25.69
C GLU I 63 5.04 -4.97 25.33
N ALA I 64 4.34 -6.08 25.02
CA ALA I 64 4.96 -7.39 24.70
C ALA I 64 5.83 -7.29 23.44
N PRO I 65 5.29 -6.86 22.28
CA PRO I 65 6.12 -6.70 21.07
C PRO I 65 7.34 -5.79 21.28
N ILE I 66 7.21 -4.80 22.17
CA ILE I 66 8.28 -3.80 22.48
C ILE I 66 9.42 -4.50 23.23
N LEU I 67 9.09 -5.33 24.23
CA LEU I 67 10.08 -6.16 24.94
C LEU I 67 10.82 -7.06 23.93
N PHE I 68 10.09 -7.75 23.06
CA PHE I 68 10.67 -8.69 22.06
C PHE I 68 11.55 -7.94 21.05
N ALA I 69 11.12 -6.75 20.59
CA ALA I 69 11.91 -5.92 19.65
C ALA I 69 13.33 -5.82 20.21
N LYS I 70 13.43 -5.40 21.47
CA LYS I 70 14.70 -5.13 22.18
C LYS I 70 15.44 -6.45 22.45
N GLY I 71 14.74 -7.42 23.06
CA GLY I 71 15.31 -8.74 23.34
C GLY I 71 15.85 -9.42 22.10
N CYS I 72 15.20 -9.27 20.96
CA CYS I 72 15.64 -9.94 19.71
C CYS I 72 16.90 -9.26 19.18
N ASP I 73 17.01 -7.93 19.34
CA ASP I 73 18.26 -7.18 19.05
C ASP I 73 19.40 -7.80 19.85
N VAL I 74 19.20 -7.99 21.15
CA VAL I 74 20.28 -8.51 22.04
C VAL I 74 20.61 -9.96 21.67
N PHE I 75 19.58 -10.75 21.37
CA PHE I 75 19.73 -12.18 21.01
C PHE I 75 20.53 -12.31 19.73
N ILE I 76 20.12 -11.60 18.69
CA ILE I 76 20.83 -11.64 17.38
C ILE I 76 22.29 -11.24 17.62
N THR I 77 22.54 -10.17 18.36
CA THR I 77 23.91 -9.57 18.44
C THR I 77 24.84 -10.57 19.14
N GLU I 78 24.43 -11.01 20.34
CA GLU I 78 25.12 -12.00 21.18
C GLU I 78 25.48 -13.26 20.37
N LEU I 79 24.52 -13.80 19.62
CA LEU I 79 24.70 -15.09 18.93
C LEU I 79 25.61 -14.86 17.73
N THR I 80 25.37 -13.80 16.96
CA THR I 80 26.27 -13.37 15.86
C THR I 80 27.69 -13.24 16.42
N MET I 81 27.87 -12.53 17.54
CA MET I 81 29.22 -12.34 18.15
C MET I 81 29.76 -13.70 18.61
N ARG I 82 28.92 -14.56 19.17
CA ARG I 82 29.35 -15.93 19.55
C ARG I 82 29.72 -16.71 18.28
N ALA I 83 28.93 -16.60 17.22
CA ALA I 83 29.19 -17.32 15.94
C ALA I 83 30.54 -16.88 15.36
N TRP I 84 30.80 -15.57 15.32
CA TRP I 84 31.98 -14.96 14.65
C TRP I 84 33.27 -15.58 15.16
N ILE I 85 33.32 -15.97 16.43
CA ILE I 85 34.53 -16.58 17.07
C ILE I 85 35.00 -17.76 16.22
N HIS I 86 34.06 -18.61 15.77
CA HIS I 86 34.36 -19.84 14.98
C HIS I 86 34.86 -19.42 13.59
N ALA I 87 34.37 -18.30 13.05
CA ALA I 87 34.81 -17.76 11.75
C ALA I 87 36.26 -17.28 11.87
N GLU I 88 36.60 -16.57 12.95
CA GLU I 88 37.99 -16.15 13.26
C GLU I 88 38.90 -17.38 13.44
N ASP I 89 38.46 -18.37 14.24
CA ASP I 89 39.21 -19.64 14.46
C ASP I 89 39.61 -20.25 13.11
N ASN I 90 38.70 -20.29 12.14
CA ASN I 90 38.95 -20.90 10.79
C ASN I 90 39.58 -19.86 9.86
N LYS I 91 40.08 -18.75 10.41
CA LYS I 91 40.63 -17.59 9.65
C LYS I 91 39.79 -17.41 8.38
N ARG I 92 38.51 -17.11 8.57
CA ARG I 92 37.52 -16.79 7.49
C ARG I 92 36.95 -15.39 7.75
N ARG I 93 36.58 -14.70 6.67
CA ARG I 93 35.94 -13.35 6.70
C ARG I 93 34.41 -13.50 6.56
N THR I 94 33.92 -14.63 6.02
CA THR I 94 32.48 -14.90 5.75
C THR I 94 31.90 -15.80 6.86
N LEU I 95 30.93 -15.29 7.63
CA LEU I 95 30.20 -16.06 8.69
C LEU I 95 29.27 -17.07 7.99
N GLN I 96 29.37 -18.35 8.36
CA GLN I 96 28.58 -19.46 7.76
C GLN I 96 27.62 -20.03 8.79
N ARG I 97 26.69 -20.88 8.33
CA ARG I 97 25.67 -21.55 9.17
C ARG I 97 26.38 -22.40 10.24
N SER I 98 27.47 -23.06 9.89
CA SER I 98 28.24 -23.97 10.80
C SER I 98 28.85 -23.16 11.96
N ASP I 99 29.11 -21.86 11.77
CA ASP I 99 29.64 -20.99 12.86
C ASP I 99 28.55 -20.80 13.92
N ILE I 100 27.29 -20.63 13.49
CA ILE I 100 26.12 -20.49 14.41
C ILE I 100 25.92 -21.82 15.14
N ALA I 101 25.89 -22.95 14.40
CA ALA I 101 25.78 -24.31 14.96
C ALA I 101 26.80 -24.48 16.08
N ALA I 102 28.08 -24.19 15.81
CA ALA I 102 29.19 -24.27 16.78
C ALA I 102 28.88 -23.40 18.00
N ALA I 103 28.42 -22.15 17.80
CA ALA I 103 28.10 -21.20 18.89
C ALA I 103 26.99 -21.78 19.78
N LEU I 104 25.97 -22.38 19.18
CA LEU I 104 24.79 -22.91 19.92
C LEU I 104 25.26 -24.03 20.86
N SER I 105 26.23 -24.84 20.45
CA SER I 105 26.67 -26.06 21.19
C SER I 105 27.45 -25.69 22.47
N LYS I 106 27.92 -24.44 22.62
CA LYS I 106 28.76 -24.01 23.77
C LYS I 106 27.93 -23.69 25.02
N SER I 107 26.62 -23.46 24.90
CA SER I 107 25.76 -23.03 26.03
C SER I 107 24.41 -23.73 25.98
N ASP I 108 23.93 -24.17 27.13
CA ASP I 108 22.68 -24.98 27.24
C ASP I 108 21.49 -24.00 27.21
N MET I 109 21.79 -22.69 27.31
CA MET I 109 20.77 -21.62 27.11
C MET I 109 20.10 -21.81 25.72
N PHE I 110 20.82 -22.37 24.74
CA PHE I 110 20.36 -22.52 23.32
C PHE I 110 19.77 -23.91 23.02
N ASP I 111 19.45 -24.71 24.04
CA ASP I 111 18.99 -26.11 23.83
C ASP I 111 17.65 -26.08 23.09
N PHE I 112 16.86 -25.03 23.30
CA PHE I 112 15.54 -24.80 22.63
C PHE I 112 15.67 -24.78 21.10
N LEU I 113 16.87 -24.67 20.53
CA LEU I 113 17.07 -24.51 19.06
C LEU I 113 17.52 -25.81 18.40
N ILE I 114 17.62 -26.90 19.16
CA ILE I 114 18.18 -28.22 18.74
C ILE I 114 17.46 -28.75 17.49
N ASP I 115 16.17 -28.44 17.30
CA ASP I 115 15.41 -28.86 16.08
C ASP I 115 15.56 -27.81 14.97
N ILE I 116 15.88 -26.56 15.31
CA ILE I 116 16.00 -25.46 14.31
C ILE I 116 17.36 -25.57 13.63
N VAL I 117 18.39 -25.98 14.37
CA VAL I 117 19.77 -26.18 13.84
C VAL I 117 20.28 -27.53 14.32
N PRO I 118 20.08 -28.62 13.57
CA PRO I 118 20.69 -29.91 13.90
C PRO I 118 22.23 -29.83 13.90
N ARG I 119 22.86 -30.41 14.93
CA ARG I 119 24.34 -30.41 15.11
C ARG I 119 24.74 -31.58 16.02
#